data_3I4D
#
_entry.id   3I4D
#
_cell.length_a   138.800
_cell.length_b   138.800
_cell.length_c   184.569
_cell.angle_alpha   90.00
_cell.angle_beta   90.00
_cell.angle_gamma   120.00
#
_symmetry.space_group_name_H-M   'P 31 2 1'
#
loop_
_entity.id
_entity.type
_entity.pdbx_description
1 polymer 'Reaction center protein L chain'
2 polymer 'Reaction center protein M chain'
3 polymer 'Reaction center protein H chain'
4 non-polymer 'BACTERIOCHLOROPHYLL A'
5 non-polymer 'BACTERIOPHEOPHYTIN A'
6 non-polymer UBIQUINONE-10
7 non-polymer UBIQUINONE-1
8 non-polymer 'PHOSPHATE ION'
9 non-polymer '1,4-DIETHYLENE DIOXIDE'
10 non-polymer GLYCEROL
11 non-polymer (2R,3S)-heptane-1,2,3-triol
12 non-polymer HEPTANE-1,2,3-TRIOL
13 non-polymer 'LAURYL DIMETHYLAMINE-N-OXIDE'
14 non-polymer 'FE (III) ION'
15 non-polymer SPHEROIDENE
16 non-polymer 'POTASSIUM ION'
17 non-polymer 'CHLORIDE ION'
18 non-polymer CARDIOLIPIN
19 water water
#
loop_
_entity_poly.entity_id
_entity_poly.type
_entity_poly.pdbx_seq_one_letter_code
_entity_poly.pdbx_strand_id
1 'polypeptide(L)'
;ALLSFERKYRVPGGTLVGGNLFDFWVGPFYVGFFGVATFFFAALGIILIAWSAVLQGTWNPQLISVYPPALEYGLGGAPL
AKGGLWQIITICATGAFVSWALREVEICRKLGIGYHIPFAFAFAILAYLTLVLFRPVMMGAWGYAFPYGIWTHLDWVSNT
GYTYGNFHYNPAHMIAISFFFTNALALALHGALVLSAANPEKGKEMRTPDHEDTFFRDLVGYSIGTLGIHRLGLLLSLSA
VFFSALCMIITGTIWFDQWVDWWQWWVKLPWWANIPGGING
;
L
2 'polypeptide(L)'
;AEYQNIFSQVQVRGPADLGMTEDVNLANRSGVGPFSTLLGWFGNAQLGPIYLGSLGVLSLFSGLMWFFTIGIWFWYQAGW
NPAVFLRDLFFFSLEPPAPEYGLSFAAPLKEGGLWLIASFFMFVAVWSWWGRTYLRAQALGMGKHTAWAFLSAIWLWMVL
GFIRPILMGSWSEAVPYGIFSHLDWTNNFSLVHGNLFYNPFHGLSIAFLYGSALLFAMHGATILAVSRFGGERELEQIAD
RGTAAERAALFWRWTMGFNATMEGIHRWAIWMAVLVTLTGGIGILLSGTVVDNWYVWGQNHGMAPLN
;
M
3 'polypeptide(L)'
;MVGVTAFGNFDLASLAIYSFWIFLAGLIYYLQTENMREGYPLENEDGTPAANQGPFPLPKPKTFILPHGRGTLTVPGPES
EDRPIALARTAVSEGFPHAPTGDPMKDGVGPASWVARRDLPELDGHGHNKIKPMKAAAGFHVSAGKNPIGLPVRGCDLEI
AGKVVDIWVDIPEQMARFLEVELKDGSTRLLPMQMVKVQSNRVHVNALSSDLFAGIPTIKSPTEVTLLEEDKICGYVAGG
LMYAAPKRKSVVAAMLAEYA
;
H
#
# COMPACT_ATOMS: atom_id res chain seq x y z
N ALA A 1 21.21 -12.09 16.79
CA ALA A 1 22.08 -11.27 15.93
C ALA A 1 21.32 -9.99 15.60
N LEU A 2 22.04 -8.92 15.30
CA LEU A 2 21.44 -7.63 15.07
C LEU A 2 21.79 -7.17 13.65
N LEU A 3 20.99 -6.28 13.07
CA LEU A 3 21.39 -5.58 11.84
C LEU A 3 22.55 -4.69 12.22
N SER A 4 23.37 -4.30 11.24
CA SER A 4 24.55 -3.53 11.54
C SER A 4 24.23 -2.25 12.25
N PHE A 5 23.07 -1.68 12.01
CA PHE A 5 22.76 -0.36 12.55
C PHE A 5 21.77 -0.43 13.69
N GLU A 6 21.50 -1.62 14.20
CA GLU A 6 20.39 -1.85 15.11
C GLU A 6 20.64 -1.51 16.58
N ARG A 7 21.87 -1.66 17.06
CA ARG A 7 22.09 -1.58 18.50
C ARG A 7 21.65 -0.26 19.12
N LYS A 8 21.91 0.81 18.44
CA LYS A 8 21.60 2.12 18.97
C LYS A 8 20.12 2.29 19.27
N TYR A 9 19.25 1.46 18.67
CA TYR A 9 17.84 1.60 18.90
C TYR A 9 17.34 0.71 20.02
N ARG A 10 18.15 -0.25 20.47
CA ARG A 10 17.72 -1.28 21.41
C ARG A 10 17.88 -0.77 22.83
N VAL A 11 17.16 0.32 23.15
CA VAL A 11 17.31 0.96 24.44
C VAL A 11 16.14 0.48 25.24
N PRO A 12 16.18 0.69 26.56
CA PRO A 12 15.01 0.38 27.32
C PRO A 12 13.90 1.39 27.09
N GLY A 13 12.66 0.94 27.24
CA GLY A 13 11.52 1.90 27.30
C GLY A 13 10.45 1.64 26.29
N GLY A 14 9.26 2.16 26.55
CA GLY A 14 8.15 2.16 25.57
C GLY A 14 7.09 1.14 25.88
N THR A 15 7.34 0.31 26.88
CA THR A 15 6.40 -0.70 27.16
C THR A 15 5.08 -0.03 27.71
N LEU A 16 3.96 -0.67 27.44
CA LEU A 16 2.66 -0.24 28.01
C LEU A 16 2.33 -0.94 29.30
N VAL A 17 2.85 -2.13 29.53
CA VAL A 17 2.50 -2.93 30.72
C VAL A 17 3.73 -3.68 31.17
N GLY A 18 4.01 -3.65 32.45
CA GLY A 18 5.08 -4.46 32.98
C GLY A 18 6.44 -3.80 33.17
N GLY A 19 6.56 -2.54 32.82
CA GLY A 19 7.83 -1.85 33.01
C GLY A 19 8.90 -2.60 32.23
N ASN A 20 10.01 -2.90 32.90
CA ASN A 20 11.12 -3.59 32.27
C ASN A 20 11.01 -5.10 32.22
N LEU A 21 9.98 -5.66 32.80
CA LEU A 21 9.94 -7.12 33.04
C LEU A 21 10.07 -7.92 31.74
N PHE A 22 9.40 -7.49 30.68
CA PHE A 22 9.40 -8.23 29.42
C PHE A 22 10.05 -7.40 28.29
N ASP A 23 10.82 -6.40 28.69
CA ASP A 23 11.47 -5.48 27.76
C ASP A 23 12.76 -6.16 27.29
N PHE A 24 12.61 -7.07 26.33
CA PHE A 24 13.77 -7.75 25.78
C PHE A 24 13.43 -8.39 24.47
N TRP A 25 14.43 -9.01 23.83
CA TRP A 25 14.25 -9.60 22.51
C TRP A 25 14.63 -11.09 22.58
N VAL A 26 14.09 -11.86 21.65
CA VAL A 26 14.51 -13.28 21.38
C VAL A 26 14.99 -13.28 19.91
N GLY A 27 16.28 -13.29 19.70
CA GLY A 27 16.70 -13.15 18.30
C GLY A 27 16.29 -11.77 17.80
N PRO A 28 15.62 -11.68 16.59
CA PRO A 28 15.17 -10.44 16.02
C PRO A 28 13.90 -9.95 16.67
N PHE A 29 13.12 -10.84 17.28
CA PHE A 29 11.81 -10.50 17.79
C PHE A 29 11.82 -9.72 19.11
N TYR A 30 11.10 -8.60 19.14
CA TYR A 30 10.83 -7.95 20.42
C TYR A 30 9.79 -8.76 21.15
N VAL A 31 9.90 -8.84 22.46
CA VAL A 31 8.92 -9.56 23.24
C VAL A 31 7.87 -8.58 23.83
N GLY A 32 8.09 -8.04 25.01
CA GLY A 32 7.13 -7.14 25.61
C GLY A 32 6.02 -7.93 26.22
N PHE A 33 5.24 -7.28 27.09
CA PHE A 33 4.10 -7.95 27.74
C PHE A 33 3.16 -8.57 26.68
N PHE A 34 2.97 -7.85 25.59
CA PHE A 34 2.05 -8.29 24.48
C PHE A 34 2.64 -9.38 23.59
N GLY A 35 3.97 -9.51 23.58
CA GLY A 35 4.64 -10.70 23.01
C GLY A 35 4.33 -11.94 23.81
N VAL A 36 4.36 -11.83 25.14
CA VAL A 36 3.94 -12.95 25.99
C VAL A 36 2.44 -13.26 25.78
N ALA A 37 1.59 -12.24 25.72
CA ALA A 37 0.15 -12.47 25.55
C ALA A 37 -0.07 -13.12 24.20
N THR A 38 0.62 -12.65 23.14
CA THR A 38 0.43 -13.23 21.84
C THR A 38 0.83 -14.68 21.82
N PHE A 39 1.95 -14.99 22.47
CA PHE A 39 2.37 -16.35 22.58
C PHE A 39 1.35 -17.20 23.31
N PHE A 40 0.87 -16.80 24.49
CA PHE A 40 -0.15 -17.57 25.19
C PHE A 40 -1.40 -17.82 24.30
N PHE A 41 -1.92 -16.79 23.66
CA PHE A 41 -3.19 -16.92 22.92
C PHE A 41 -3.00 -17.80 21.69
N ALA A 42 -1.91 -17.57 20.95
CA ALA A 42 -1.60 -18.33 19.77
C ALA A 42 -1.36 -19.77 20.12
N ALA A 43 -0.62 -20.02 21.19
CA ALA A 43 -0.30 -21.37 21.56
C ALA A 43 -1.55 -22.13 21.96
N LEU A 44 -2.37 -21.51 22.81
CA LEU A 44 -3.58 -22.16 23.27
C LEU A 44 -4.47 -22.43 22.02
N GLY A 45 -4.61 -21.44 21.17
CA GLY A 45 -5.41 -21.61 20.01
C GLY A 45 -4.96 -22.79 19.16
N ILE A 46 -3.66 -22.87 18.91
CA ILE A 46 -3.10 -23.91 18.08
C ILE A 46 -3.23 -25.30 18.71
N ILE A 47 -3.04 -25.36 20.01
CA ILE A 47 -3.27 -26.58 20.76
C ILE A 47 -4.73 -27.07 20.65
N LEU A 48 -5.67 -26.14 20.70
CA LEU A 48 -7.10 -26.44 20.62
C LEU A 48 -7.50 -26.83 19.20
N ILE A 49 -6.87 -26.25 18.20
CA ILE A 49 -7.03 -26.71 16.80
C ILE A 49 -6.55 -28.17 16.67
N ALA A 50 -5.40 -28.49 17.30
CA ALA A 50 -4.89 -29.84 17.26
C ALA A 50 -5.84 -30.83 17.95
N TRP A 51 -6.46 -30.45 19.04
CA TRP A 51 -7.41 -31.29 19.73
C TRP A 51 -8.65 -31.43 18.89
N SER A 52 -9.07 -30.35 18.24
CA SER A 52 -10.17 -30.43 17.31
C SER A 52 -9.82 -31.44 16.20
N ALA A 53 -8.61 -31.38 15.69
CA ALA A 53 -8.11 -32.32 14.70
C ALA A 53 -8.24 -33.75 15.17
N VAL A 54 -7.79 -34.00 16.40
CA VAL A 54 -7.99 -35.32 17.00
C VAL A 54 -9.47 -35.76 17.13
N LEU A 55 -10.36 -34.81 17.42
CA LEU A 55 -11.80 -35.16 17.58
C LEU A 55 -12.51 -35.33 16.21
N GLN A 56 -11.90 -34.79 15.17
CA GLN A 56 -12.38 -34.88 13.79
C GLN A 56 -11.84 -36.13 13.08
N GLY A 57 -10.68 -36.61 13.56
CA GLY A 57 -10.02 -37.81 13.05
C GLY A 57 -9.07 -37.62 11.88
N THR A 58 -8.39 -36.48 11.81
CA THR A 58 -7.43 -36.21 10.73
C THR A 58 -6.33 -35.21 11.14
N TRP A 59 -5.12 -35.39 10.60
CA TRP A 59 -3.99 -34.47 10.75
C TRP A 59 -3.64 -33.75 9.46
N ASN A 60 -4.42 -33.97 8.41
CA ASN A 60 -4.11 -33.37 7.15
C ASN A 60 -4.56 -31.92 7.20
N PRO A 61 -3.63 -30.96 7.01
CA PRO A 61 -3.96 -29.56 7.14
C PRO A 61 -4.94 -29.07 6.10
N GLN A 62 -5.09 -29.80 5.01
CA GLN A 62 -6.12 -29.45 4.03
C GLN A 62 -7.49 -30.03 4.39
N LEU A 63 -7.56 -30.88 5.41
CA LEU A 63 -8.82 -31.43 5.91
C LEU A 63 -9.25 -30.91 7.29
N ILE A 64 -8.33 -30.55 8.18
CA ILE A 64 -8.70 -30.06 9.52
C ILE A 64 -9.65 -28.89 9.39
N SER A 65 -10.80 -28.94 10.06
CA SER A 65 -11.75 -27.84 9.99
C SER A 65 -12.45 -27.73 11.30
N VAL A 66 -12.54 -26.52 11.83
CA VAL A 66 -13.16 -26.30 13.14
C VAL A 66 -14.38 -25.49 12.85
N TYR A 67 -15.56 -26.05 13.11
CA TYR A 67 -16.79 -25.35 12.71
C TYR A 67 -17.46 -24.68 13.93
N PRO A 68 -18.11 -23.55 13.69
CA PRO A 68 -18.85 -22.92 14.75
C PRO A 68 -20.05 -23.73 15.14
N PRO A 69 -20.68 -23.41 16.27
CA PRO A 69 -21.86 -24.16 16.66
C PRO A 69 -22.95 -24.07 15.61
N ALA A 70 -23.72 -25.13 15.47
CA ALA A 70 -24.88 -25.11 14.60
C ALA A 70 -25.83 -23.98 15.00
N LEU A 71 -26.64 -23.57 14.04
CA LEU A 71 -27.60 -22.49 14.25
C LEU A 71 -28.56 -22.71 15.45
N GLU A 72 -28.94 -23.95 15.72
CA GLU A 72 -29.80 -24.25 16.86
C GLU A 72 -29.24 -23.79 18.21
N TYR A 73 -27.94 -23.64 18.33
CA TYR A 73 -27.34 -23.22 19.61
C TYR A 73 -27.53 -21.71 19.81
N GLY A 74 -27.96 -21.02 18.76
CA GLY A 74 -28.08 -19.57 18.86
C GLY A 74 -26.78 -18.93 19.26
N LEU A 75 -26.81 -18.09 20.29
CA LEU A 75 -25.61 -17.40 20.78
C LEU A 75 -25.13 -17.97 22.14
N GLY A 76 -25.65 -19.13 22.50
CA GLY A 76 -25.22 -19.84 23.71
C GLY A 76 -23.88 -20.49 23.45
N GLY A 77 -23.37 -21.19 24.46
CA GLY A 77 -22.19 -22.03 24.32
C GLY A 77 -22.58 -23.42 23.79
N ALA A 78 -21.65 -24.14 23.17
CA ALA A 78 -21.93 -25.48 22.66
C ALA A 78 -20.92 -26.45 23.23
N PRO A 79 -21.25 -27.76 23.22
CA PRO A 79 -20.25 -28.71 23.63
C PRO A 79 -18.99 -28.62 22.81
N LEU A 80 -17.87 -28.90 23.44
CA LEU A 80 -16.60 -28.52 22.85
C LEU A 80 -16.48 -29.14 21.46
N ALA A 81 -16.88 -30.42 21.32
CA ALA A 81 -16.75 -31.06 20.01
C ALA A 81 -17.82 -30.63 18.99
N LYS A 82 -18.78 -29.80 19.41
N LYS A 82 -18.78 -29.82 19.44
CA LYS A 82 -19.88 -29.42 18.56
CA LYS A 82 -19.96 -29.41 18.66
C LYS A 82 -20.03 -27.91 18.51
C LYS A 82 -20.04 -27.88 18.50
N GLY A 83 -18.89 -27.22 18.45
CA GLY A 83 -18.82 -25.73 18.28
C GLY A 83 -18.09 -24.98 19.39
N GLY A 84 -17.95 -25.61 20.55
CA GLY A 84 -17.31 -24.96 21.68
C GLY A 84 -15.85 -24.70 21.43
N LEU A 85 -15.16 -25.65 20.79
CA LEU A 85 -13.75 -25.38 20.43
C LEU A 85 -13.65 -24.21 19.52
N TRP A 86 -14.54 -24.12 18.52
CA TRP A 86 -14.52 -22.92 17.68
C TRP A 86 -14.65 -21.66 18.50
N GLN A 87 -15.54 -21.67 19.47
CA GLN A 87 -15.79 -20.48 20.27
C GLN A 87 -14.54 -20.08 21.05
N ILE A 88 -13.88 -21.07 21.65
CA ILE A 88 -12.66 -20.78 22.44
C ILE A 88 -11.52 -20.39 21.55
N ILE A 89 -11.38 -21.11 20.45
CA ILE A 89 -10.38 -20.72 19.46
C ILE A 89 -10.56 -19.29 18.91
N THR A 90 -11.80 -18.87 18.73
CA THR A 90 -12.05 -17.49 18.29
C THR A 90 -11.63 -16.45 19.34
N ILE A 91 -11.88 -16.77 20.60
CA ILE A 91 -11.38 -15.95 21.71
C ILE A 91 -9.85 -15.88 21.64
N CYS A 92 -9.21 -17.02 21.51
CA CYS A 92 -7.74 -17.03 21.32
C CYS A 92 -7.26 -16.22 20.16
N ALA A 93 -7.89 -16.38 19.01
CA ALA A 93 -7.51 -15.60 17.82
C ALA A 93 -7.62 -14.12 18.08
N THR A 94 -8.76 -13.69 18.61
CA THR A 94 -8.99 -12.26 18.82
C THR A 94 -7.91 -11.78 19.80
N GLY A 95 -7.71 -12.54 20.89
CA GLY A 95 -6.64 -12.22 21.88
C GLY A 95 -5.26 -12.11 21.23
N ALA A 96 -4.92 -13.09 20.38
CA ALA A 96 -3.65 -13.05 19.64
C ALA A 96 -3.52 -11.86 18.72
N PHE A 97 -4.55 -11.58 17.95
CA PHE A 97 -4.45 -10.42 17.01
C PHE A 97 -4.33 -9.08 17.76
N VAL A 98 -5.17 -8.85 18.77
CA VAL A 98 -5.19 -7.56 19.48
C VAL A 98 -3.90 -7.46 20.22
N SER A 99 -3.41 -8.56 20.75
CA SER A 99 -2.09 -8.56 21.40
C SER A 99 -1.00 -8.24 20.44
N TRP A 100 -1.11 -8.72 19.21
CA TRP A 100 -0.08 -8.42 18.20
C TRP A 100 -0.06 -6.94 17.88
N ALA A 101 -1.25 -6.37 17.77
CA ALA A 101 -1.37 -4.93 17.54
C ALA A 101 -0.78 -4.14 18.66
N LEU A 102 -1.06 -4.54 19.90
CA LEU A 102 -0.56 -3.76 21.04
C LEU A 102 0.95 -3.88 21.20
N ARG A 103 1.49 -5.03 20.86
CA ARG A 103 2.94 -5.25 20.77
C ARG A 103 3.55 -4.31 19.74
N GLU A 104 2.86 -4.18 18.60
CA GLU A 104 3.26 -3.24 17.57
C GLU A 104 3.30 -1.85 18.15
N VAL A 105 2.35 -1.50 19.03
CA VAL A 105 2.38 -0.19 19.65
C VAL A 105 3.60 -0.01 20.56
N GLU A 106 3.94 -1.03 21.34
CA GLU A 106 5.12 -0.96 22.18
C GLU A 106 6.36 -0.77 21.33
N ILE A 107 6.44 -1.46 20.20
CA ILE A 107 7.57 -1.27 19.22
C ILE A 107 7.63 0.17 18.64
N CYS A 108 6.49 0.72 18.29
CA CYS A 108 6.50 2.11 17.78
C CYS A 108 7.02 3.08 18.83
N ARG A 109 6.60 2.88 20.07
CA ARG A 109 7.00 3.72 21.16
C ARG A 109 8.52 3.67 21.38
N LYS A 110 9.07 2.48 21.41
CA LYS A 110 10.54 2.34 21.55
C LYS A 110 11.29 2.97 20.39
N LEU A 111 10.73 2.90 19.16
CA LEU A 111 11.41 3.40 17.99
C LEU A 111 11.12 4.88 17.75
N GLY A 112 10.19 5.46 18.48
CA GLY A 112 9.86 6.89 18.24
C GLY A 112 9.12 7.18 16.94
N ILE A 113 8.33 6.20 16.46
CA ILE A 113 7.62 6.37 15.16
C ILE A 113 6.12 6.50 15.35
N GLY A 114 5.42 6.92 14.30
CA GLY A 114 3.96 7.06 14.36
C GLY A 114 3.35 5.69 14.59
N TYR A 115 2.09 5.71 14.95
CA TYR A 115 1.30 4.49 15.20
C TYR A 115 0.50 3.99 14.01
N HIS A 116 0.86 4.38 12.80
CA HIS A 116 -0.02 4.13 11.66
C HIS A 116 -0.17 2.64 11.40
N ILE A 117 0.86 1.88 11.67
CA ILE A 117 0.85 0.48 11.29
C ILE A 117 -0.20 -0.30 12.09
N PRO A 118 -0.10 -0.31 13.43
CA PRO A 118 -1.13 -1.05 14.17
C PRO A 118 -2.54 -0.49 13.99
N PHE A 119 -2.67 0.79 13.72
CA PHE A 119 -3.97 1.35 13.41
C PHE A 119 -4.49 0.76 12.14
N ALA A 120 -3.63 0.60 11.15
CA ALA A 120 -4.06 -0.05 9.93
C ALA A 120 -4.47 -1.53 10.17
N PHE A 121 -3.64 -2.20 10.93
CA PHE A 121 -3.88 -3.61 11.21
C PHE A 121 -5.21 -3.76 11.89
N ALA A 122 -5.57 -2.83 12.76
CA ALA A 122 -6.86 -2.88 13.43
C ALA A 122 -8.04 -2.96 12.44
N PHE A 123 -7.91 -2.43 11.21
CA PHE A 123 -8.98 -2.59 10.21
C PHE A 123 -9.11 -4.05 9.85
N ALA A 124 -8.01 -4.75 9.70
CA ALA A 124 -8.09 -6.15 9.35
C ALA A 124 -8.77 -6.90 10.49
N ILE A 125 -8.38 -6.58 11.71
CA ILE A 125 -8.93 -7.24 12.88
C ILE A 125 -10.44 -7.00 12.94
N LEU A 126 -10.89 -5.79 12.65
CA LEU A 126 -12.32 -5.47 12.71
C LEU A 126 -13.11 -6.18 11.57
N ALA A 127 -12.48 -6.43 10.43
CA ALA A 127 -13.12 -7.22 9.37
C ALA A 127 -13.29 -8.67 9.84
N TYR A 128 -12.23 -9.23 10.38
CA TYR A 128 -12.32 -10.55 11.01
C TYR A 128 -13.48 -10.59 12.00
N LEU A 129 -13.51 -9.63 12.90
CA LEU A 129 -14.52 -9.65 13.95
C LEU A 129 -15.92 -9.40 13.39
N THR A 130 -16.04 -8.62 12.34
CA THR A 130 -17.35 -8.49 11.66
C THR A 130 -17.87 -9.88 11.26
N LEU A 131 -17.02 -10.73 10.70
CA LEU A 131 -17.42 -12.07 10.27
C LEU A 131 -17.73 -13.07 11.35
N VAL A 132 -16.96 -13.03 12.44
CA VAL A 132 -17.07 -14.05 13.47
C VAL A 132 -17.79 -13.54 14.70
N LEU A 133 -17.88 -12.21 14.88
CA LEU A 133 -18.54 -11.71 16.07
C LEU A 133 -19.69 -10.77 15.78
N PHE A 134 -19.49 -9.64 15.14
CA PHE A 134 -20.58 -8.66 15.07
C PHE A 134 -21.72 -9.18 14.22
N ARG A 135 -21.41 -9.69 13.02
CA ARG A 135 -22.48 -10.23 12.17
C ARG A 135 -23.21 -11.38 12.81
N PRO A 136 -22.50 -12.39 13.26
CA PRO A 136 -23.28 -13.40 13.94
C PRO A 136 -24.13 -12.94 15.09
N VAL A 137 -23.61 -12.01 15.90
CA VAL A 137 -24.39 -11.55 17.03
C VAL A 137 -25.63 -10.84 16.52
N MET A 138 -25.50 -9.99 15.50
CA MET A 138 -26.70 -9.32 14.95
C MET A 138 -27.67 -10.29 14.33
N MET A 139 -27.17 -11.37 13.75
CA MET A 139 -28.05 -12.37 13.16
C MET A 139 -28.57 -13.38 14.13
N GLY A 140 -28.00 -13.46 15.33
CA GLY A 140 -28.62 -14.24 16.37
C GLY A 140 -28.03 -15.64 16.51
N ALA A 141 -26.92 -15.94 15.80
CA ALA A 141 -26.29 -17.25 15.98
C ALA A 141 -24.84 -17.28 15.61
N TRP A 142 -24.02 -17.95 16.44
CA TRP A 142 -22.60 -18.16 16.08
C TRP A 142 -22.41 -18.95 14.80
N GLY A 143 -23.32 -19.88 14.50
CA GLY A 143 -23.32 -20.64 13.24
C GLY A 143 -23.33 -19.88 11.94
N TYR A 144 -23.59 -18.56 11.95
CA TYR A 144 -23.38 -17.75 10.73
C TYR A 144 -21.93 -17.37 10.46
N ALA A 145 -21.05 -17.58 11.45
CA ALA A 145 -19.61 -17.32 11.27
C ALA A 145 -18.99 -18.37 10.34
N PHE A 146 -17.78 -18.08 9.87
CA PHE A 146 -17.08 -19.02 9.03
C PHE A 146 -16.28 -20.07 9.81
N PRO A 147 -16.14 -21.29 9.25
CA PRO A 147 -15.37 -22.29 9.86
C PRO A 147 -13.88 -22.09 9.61
N TYR A 148 -13.05 -22.64 10.48
CA TYR A 148 -11.58 -22.54 10.35
C TYR A 148 -11.01 -23.75 9.65
N GLY A 149 -11.03 -23.66 8.34
CA GLY A 149 -10.45 -24.70 7.52
C GLY A 149 -10.08 -24.08 6.19
N ILE A 150 -8.97 -24.55 5.63
CA ILE A 150 -8.35 -23.96 4.45
C ILE A 150 -9.35 -23.96 3.33
N TRP A 151 -10.03 -25.10 3.13
CA TRP A 151 -11.03 -25.21 2.03
C TRP A 151 -12.48 -25.00 2.51
N THR A 152 -12.81 -25.44 3.73
CA THR A 152 -14.18 -25.30 4.23
C THR A 152 -14.57 -23.85 4.36
N HIS A 153 -13.61 -22.95 4.63
CA HIS A 153 -13.97 -21.54 4.67
C HIS A 153 -14.38 -20.99 3.34
N LEU A 154 -13.82 -21.52 2.25
CA LEU A 154 -14.27 -21.13 0.91
C LEU A 154 -15.66 -21.65 0.60
N ASP A 155 -15.98 -22.84 1.08
CA ASP A 155 -17.35 -23.33 1.05
C ASP A 155 -18.31 -22.31 1.69
N TRP A 156 -17.92 -21.75 2.83
CA TRP A 156 -18.78 -20.77 3.52
C TRP A 156 -18.94 -19.51 2.67
N VAL A 157 -17.87 -19.07 2.06
CA VAL A 157 -17.95 -17.90 1.17
C VAL A 157 -18.92 -18.14 0.05
N SER A 158 -18.87 -19.29 -0.58
CA SER A 158 -19.72 -19.52 -1.76
C SER A 158 -21.17 -19.70 -1.25
N ASN A 159 -21.39 -20.44 -0.17
CA ASN A 159 -22.73 -20.68 0.32
C ASN A 159 -23.40 -19.39 0.81
N THR A 160 -22.64 -18.53 1.52
CA THR A 160 -23.15 -17.28 2.02
C THR A 160 -23.46 -16.37 0.86
N GLY A 161 -22.57 -16.28 -0.10
CA GLY A 161 -22.80 -15.35 -1.21
C GLY A 161 -24.05 -15.75 -2.00
N TYR A 162 -24.20 -17.02 -2.29
CA TYR A 162 -25.35 -17.45 -3.10
C TYR A 162 -26.70 -17.49 -2.34
N THR A 163 -26.66 -17.41 -1.03
CA THR A 163 -27.87 -17.16 -0.25
C THR A 163 -28.59 -15.86 -0.68
N TYR A 164 -27.84 -14.91 -1.22
CA TYR A 164 -28.40 -13.65 -1.67
C TYR A 164 -28.33 -13.47 -3.21
N GLY A 165 -28.28 -14.57 -3.94
CA GLY A 165 -28.19 -14.54 -5.43
C GLY A 165 -26.73 -14.34 -5.84
N ASN A 166 -26.48 -13.58 -6.90
CA ASN A 166 -25.14 -13.16 -7.22
C ASN A 166 -24.72 -12.00 -6.30
N PHE A 167 -23.76 -12.28 -5.43
CA PHE A 167 -23.34 -11.33 -4.44
C PHE A 167 -22.73 -10.11 -5.08
N HIS A 168 -22.38 -10.19 -6.35
CA HIS A 168 -21.84 -9.06 -7.07
C HIS A 168 -22.77 -7.86 -6.95
N TYR A 169 -24.07 -8.09 -6.76
CA TYR A 169 -25.04 -6.99 -6.76
C TYR A 169 -25.13 -6.21 -5.44
N ASN A 170 -24.35 -6.59 -4.44
CA ASN A 170 -24.29 -5.87 -3.18
C ASN A 170 -23.53 -4.60 -3.45
N PRO A 171 -24.18 -3.44 -3.38
CA PRO A 171 -23.48 -2.17 -3.72
C PRO A 171 -22.24 -1.84 -2.86
N ALA A 172 -22.23 -2.22 -1.56
CA ALA A 172 -21.04 -2.00 -0.74
C ALA A 172 -19.90 -2.89 -1.19
N HIS A 173 -20.25 -4.06 -1.72
CA HIS A 173 -19.30 -5.06 -2.19
C HIS A 173 -18.70 -4.52 -3.46
N MET A 174 -19.49 -3.86 -4.27
CA MET A 174 -18.96 -3.27 -5.51
C MET A 174 -17.92 -2.21 -5.17
N ILE A 175 -18.20 -1.40 -4.17
CA ILE A 175 -17.24 -0.35 -3.74
C ILE A 175 -16.00 -1.02 -3.19
N ALA A 176 -16.16 -2.07 -2.38
CA ALA A 176 -15.05 -2.71 -1.77
C ALA A 176 -14.12 -3.24 -2.86
N ILE A 177 -14.67 -3.99 -3.80
CA ILE A 177 -13.89 -4.55 -4.91
C ILE A 177 -13.17 -3.39 -5.67
N SER A 178 -13.85 -2.27 -5.91
CA SER A 178 -13.23 -1.20 -6.67
C SER A 178 -11.98 -0.72 -5.92
N PHE A 179 -12.06 -0.66 -4.59
CA PHE A 179 -10.90 -0.25 -3.79
C PHE A 179 -9.79 -1.28 -3.82
N PHE A 180 -10.11 -2.58 -3.77
CA PHE A 180 -9.12 -3.60 -3.93
C PHE A 180 -8.42 -3.56 -5.28
N PHE A 181 -9.17 -3.42 -6.36
CA PHE A 181 -8.57 -3.38 -7.70
C PHE A 181 -7.76 -2.08 -7.81
N THR A 182 -8.32 -0.97 -7.39
CA THR A 182 -7.55 0.31 -7.43
C THR A 182 -6.24 0.25 -6.61
N ASN A 183 -6.29 -0.40 -5.46
CA ASN A 183 -5.13 -0.53 -4.60
C ASN A 183 -4.02 -1.29 -5.28
N ALA A 184 -4.34 -2.38 -5.94
CA ALA A 184 -3.33 -3.19 -6.66
C ALA A 184 -2.73 -2.44 -7.83
N LEU A 185 -3.57 -1.74 -8.56
CA LEU A 185 -3.13 -0.80 -9.64
C LEU A 185 -2.13 0.19 -9.04
N ALA A 186 -2.49 0.82 -7.95
CA ALA A 186 -1.60 1.83 -7.30
C ALA A 186 -0.32 1.24 -6.74
N LEU A 187 -0.38 0.03 -6.20
CA LEU A 187 0.81 -0.67 -5.74
C LEU A 187 1.73 -0.98 -6.89
N ALA A 188 1.20 -1.51 -7.99
CA ALA A 188 2.04 -1.81 -9.13
C ALA A 188 2.71 -0.54 -9.61
N LEU A 189 1.91 0.52 -9.73
CA LEU A 189 2.46 1.81 -10.25
C LEU A 189 3.54 2.40 -9.33
N HIS A 190 3.32 2.32 -8.02
CA HIS A 190 4.24 2.88 -7.04
C HIS A 190 5.55 2.11 -7.03
N GLY A 191 5.46 0.79 -6.92
CA GLY A 191 6.66 -0.01 -7.02
C GLY A 191 7.40 0.22 -8.33
N ALA A 192 6.67 0.26 -9.42
CA ALA A 192 7.29 0.49 -10.71
C ALA A 192 7.97 1.83 -10.76
N LEU A 193 7.29 2.85 -10.24
CA LEU A 193 7.79 4.20 -10.47
C LEU A 193 9.11 4.41 -9.71
N VAL A 194 9.12 4.10 -8.43
CA VAL A 194 10.31 4.18 -7.61
C VAL A 194 11.45 3.33 -8.21
N LEU A 195 11.21 2.06 -8.62
CA LEU A 195 12.29 1.28 -9.21
C LEU A 195 12.77 1.86 -10.49
N SER A 196 11.87 2.44 -11.28
CA SER A 196 12.27 3.01 -12.59
C SER A 196 13.16 4.25 -12.42
N ALA A 197 12.98 4.98 -11.32
CA ALA A 197 13.86 6.11 -10.99
C ALA A 197 15.20 5.63 -10.34
N ALA A 198 15.11 4.66 -9.46
CA ALA A 198 16.30 4.11 -8.75
C ALA A 198 17.17 3.24 -9.65
N ASN A 199 16.56 2.67 -10.70
CA ASN A 199 17.24 1.81 -11.63
C ASN A 199 17.00 2.27 -13.06
N PRO A 200 17.61 3.37 -13.42
CA PRO A 200 17.33 3.99 -14.70
C PRO A 200 18.04 3.22 -15.80
N GLU A 201 18.03 3.79 -17.00
CA GLU A 201 18.62 3.15 -18.14
C GLU A 201 20.08 2.96 -17.89
N LYS A 202 20.64 1.97 -18.55
CA LYS A 202 22.01 1.50 -18.29
C LYS A 202 23.03 2.59 -18.40
N GLY A 203 23.81 2.76 -17.33
CA GLY A 203 24.87 3.77 -17.30
C GLY A 203 24.43 5.14 -16.81
N LYS A 204 23.14 5.31 -16.53
CA LYS A 204 22.62 6.65 -16.20
C LYS A 204 22.57 6.86 -14.70
N GLU A 205 22.57 8.12 -14.32
CA GLU A 205 22.42 8.52 -12.94
C GLU A 205 21.01 8.21 -12.46
N MET A 206 20.87 7.79 -11.19
CA MET A 206 19.57 7.68 -10.55
C MET A 206 18.75 8.93 -10.83
N ARG A 207 17.45 8.72 -11.08
CA ARG A 207 16.55 9.82 -11.25
C ARG A 207 16.17 10.36 -9.89
N THR A 208 15.38 11.43 -9.89
CA THR A 208 14.96 12.09 -8.69
C THR A 208 13.43 12.03 -8.60
N PRO A 209 12.88 12.36 -7.45
CA PRO A 209 11.44 12.45 -7.36
C PRO A 209 10.88 13.43 -8.38
N ASP A 210 11.67 14.41 -8.81
CA ASP A 210 11.22 15.33 -9.82
C ASP A 210 10.94 14.57 -11.10
N HIS A 211 11.74 13.59 -11.40
CA HIS A 211 11.52 12.80 -12.57
C HIS A 211 10.27 11.94 -12.42
N GLU A 212 10.03 11.47 -11.21
CA GLU A 212 8.83 10.71 -10.89
C GLU A 212 7.53 11.50 -11.11
N ASP A 213 7.48 12.71 -10.58
CA ASP A 213 6.38 13.65 -10.89
C ASP A 213 6.28 13.88 -12.38
N THR A 214 7.40 14.13 -13.04
CA THR A 214 7.37 14.42 -14.47
C THR A 214 6.80 13.29 -15.25
N PHE A 215 7.23 12.09 -14.95
CA PHE A 215 6.77 10.90 -15.67
C PHE A 215 5.28 10.76 -15.63
N PHE A 216 4.72 10.89 -14.43
CA PHE A 216 3.27 10.82 -14.28
C PHE A 216 2.48 11.94 -14.91
N ARG A 217 2.98 13.16 -14.80
CA ARG A 217 2.35 14.31 -15.44
C ARG A 217 2.35 14.13 -16.91
N ASP A 218 3.48 13.66 -17.44
CA ASP A 218 3.59 13.36 -18.86
C ASP A 218 2.57 12.30 -19.26
N LEU A 219 2.40 11.27 -18.44
CA LEU A 219 1.54 10.11 -18.82
C LEU A 219 0.04 10.44 -18.67
N VAL A 220 -0.38 10.89 -17.49
CA VAL A 220 -1.79 11.14 -17.25
C VAL A 220 -2.18 12.60 -16.89
N GLY A 221 -1.21 13.53 -16.81
CA GLY A 221 -1.54 14.91 -16.48
C GLY A 221 -1.60 15.26 -15.02
N TYR A 222 -1.21 14.33 -14.16
CA TYR A 222 -1.24 14.54 -12.74
C TYR A 222 -0.22 13.64 -12.03
N SER A 223 0.42 14.17 -11.01
CA SER A 223 1.19 13.33 -10.09
C SER A 223 0.73 13.58 -8.68
N ILE A 224 0.48 12.54 -7.90
CA ILE A 224 -0.04 12.73 -6.56
C ILE A 224 1.09 13.07 -5.63
N GLY A 225 2.30 12.69 -5.99
CA GLY A 225 3.50 13.13 -5.19
C GLY A 225 3.91 12.03 -4.23
N THR A 226 5.13 12.10 -3.73
CA THR A 226 5.73 10.99 -2.96
C THR A 226 5.11 10.85 -1.63
N LEU A 227 4.62 11.92 -1.05
CA LEU A 227 3.85 11.73 0.23
C LEU A 227 2.46 11.20 -0.06
N GLY A 228 1.83 11.79 -1.05
CA GLY A 228 0.46 11.44 -1.46
C GLY A 228 0.27 9.96 -1.76
N ILE A 229 1.22 9.38 -2.47
CA ILE A 229 1.07 8.00 -2.91
C ILE A 229 1.02 7.02 -1.75
N HIS A 230 1.69 7.36 -0.66
CA HIS A 230 1.70 6.54 0.50
C HIS A 230 0.42 6.78 1.29
N ARG A 231 0.00 8.03 1.38
CA ARG A 231 -1.35 8.31 1.87
C ARG A 231 -2.45 7.52 1.10
N LEU A 232 -2.26 7.47 -0.21
CA LEU A 232 -3.24 6.89 -1.09
C LEU A 232 -3.27 5.40 -0.88
N GLY A 233 -2.12 4.74 -0.89
CA GLY A 233 -2.12 3.29 -0.69
C GLY A 233 -2.79 2.88 0.59
N LEU A 234 -2.47 3.61 1.64
CA LEU A 234 -3.02 3.34 2.95
C LEU A 234 -4.55 3.52 2.89
N LEU A 235 -5.03 4.59 2.30
CA LEU A 235 -6.47 4.85 2.18
C LEU A 235 -7.22 3.83 1.34
N LEU A 236 -6.62 3.45 0.23
CA LEU A 236 -7.25 2.51 -0.69
C LEU A 236 -7.35 1.17 -0.02
N SER A 237 -6.28 0.73 0.63
N SER A 237 -6.30 0.76 0.68
CA SER A 237 -6.32 -0.57 1.32
CA SER A 237 -6.32 -0.59 1.34
C SER A 237 -7.37 -0.56 2.42
C SER A 237 -7.27 -0.67 2.53
N LEU A 238 -7.27 0.40 3.34
CA LEU A 238 -8.18 0.44 4.45
C LEU A 238 -9.65 0.67 4.00
N SER A 239 -9.88 1.45 2.94
CA SER A 239 -11.23 1.66 2.42
C SER A 239 -11.81 0.33 1.88
N ALA A 240 -10.97 -0.43 1.24
CA ALA A 240 -11.34 -1.71 0.72
C ALA A 240 -11.83 -2.61 1.82
N VAL A 241 -11.08 -2.66 2.91
CA VAL A 241 -11.46 -3.49 4.04
C VAL A 241 -12.63 -2.87 4.83
N PHE A 242 -12.69 -1.53 4.96
CA PHE A 242 -13.88 -0.94 5.58
C PHE A 242 -15.17 -1.34 4.78
N PHE A 243 -15.14 -1.20 3.47
CA PHE A 243 -16.31 -1.50 2.69
C PHE A 243 -16.59 -3.00 2.59
N SER A 244 -15.58 -3.83 2.80
CA SER A 244 -15.81 -5.26 2.92
C SER A 244 -16.57 -5.55 4.20
N ALA A 245 -16.12 -5.04 5.33
CA ALA A 245 -16.84 -5.26 6.57
C ALA A 245 -18.27 -4.71 6.49
N LEU A 246 -18.41 -3.54 5.88
CA LEU A 246 -19.69 -2.96 5.66
C LEU A 246 -20.60 -3.83 4.80
N CYS A 247 -20.09 -4.35 3.70
CA CYS A 247 -20.87 -5.15 2.81
C CYS A 247 -21.37 -6.41 3.49
N MET A 248 -20.70 -6.89 4.50
CA MET A 248 -21.16 -8.09 5.16
C MET A 248 -22.04 -7.80 6.36
N ILE A 249 -21.75 -6.72 7.05
CA ILE A 249 -22.53 -6.40 8.29
C ILE A 249 -23.95 -6.04 7.95
N ILE A 250 -24.17 -5.53 6.74
CA ILE A 250 -25.57 -5.21 6.24
C ILE A 250 -26.32 -6.41 5.63
N THR A 251 -25.57 -7.46 5.31
CA THR A 251 -26.09 -8.63 4.63
C THR A 251 -26.55 -9.65 5.64
N GLY A 252 -27.86 -9.89 5.66
CA GLY A 252 -28.46 -10.82 6.61
C GLY A 252 -29.07 -10.07 7.76
N THR A 253 -28.86 -8.75 7.79
CA THR A 253 -29.35 -7.95 8.91
C THR A 253 -30.33 -6.95 8.31
N ILE A 254 -29.84 -5.86 7.74
CA ILE A 254 -30.75 -4.91 7.16
C ILE A 254 -31.25 -5.30 5.77
N TRP A 255 -30.46 -6.02 4.98
CA TRP A 255 -30.88 -6.49 3.67
C TRP A 255 -30.64 -8.00 3.67
N PHE A 256 -31.66 -8.79 3.35
CA PHE A 256 -31.50 -10.23 3.37
C PHE A 256 -32.16 -10.95 2.20
N ASP A 257 -32.66 -10.17 1.25
CA ASP A 257 -33.28 -10.70 0.04
C ASP A 257 -32.24 -10.86 -1.07
N GLN A 258 -32.66 -11.07 -2.31
CA GLN A 258 -31.65 -11.18 -3.37
C GLN A 258 -31.06 -9.79 -3.64
N TRP A 259 -29.74 -9.67 -3.63
CA TRP A 259 -29.10 -8.36 -3.79
C TRP A 259 -29.46 -7.66 -5.12
N VAL A 260 -29.67 -8.45 -6.17
CA VAL A 260 -30.03 -7.91 -7.46
C VAL A 260 -31.27 -7.08 -7.33
N ASP A 261 -32.18 -7.48 -6.48
CA ASP A 261 -33.44 -6.75 -6.38
C ASP A 261 -33.32 -5.40 -5.66
N TRP A 262 -32.25 -5.18 -4.92
CA TRP A 262 -32.05 -3.87 -4.28
C TRP A 262 -32.10 -2.74 -5.31
N TRP A 263 -31.63 -3.01 -6.51
CA TRP A 263 -31.49 -1.98 -7.52
C TRP A 263 -32.82 -1.50 -8.04
N GLN A 264 -33.90 -2.21 -7.75
CA GLN A 264 -35.24 -1.76 -8.22
C GLN A 264 -35.68 -0.39 -7.68
N TRP A 265 -35.15 0.05 -6.55
CA TRP A 265 -35.50 1.38 -6.03
C TRP A 265 -35.26 2.47 -7.06
N TRP A 266 -34.15 2.37 -7.78
CA TRP A 266 -33.77 3.29 -8.83
C TRP A 266 -34.65 3.17 -10.07
N VAL A 267 -34.81 1.95 -10.57
CA VAL A 267 -35.56 1.73 -11.79
C VAL A 267 -36.99 2.21 -11.62
N LYS A 268 -37.49 2.06 -10.40
CA LYS A 268 -38.89 2.33 -10.12
C LYS A 268 -39.21 3.74 -9.66
N LEU A 269 -38.26 4.66 -9.75
CA LEU A 269 -38.53 6.04 -9.38
C LEU A 269 -39.64 6.54 -10.31
N PRO A 270 -40.60 7.28 -9.73
CA PRO A 270 -41.86 7.52 -10.43
C PRO A 270 -41.73 8.34 -11.72
N TRP A 271 -40.74 9.22 -11.80
CA TRP A 271 -40.57 10.05 -13.00
C TRP A 271 -40.25 9.24 -14.24
N TRP A 272 -39.64 8.07 -14.06
CA TRP A 272 -39.36 7.22 -15.22
C TRP A 272 -39.81 5.78 -15.12
N ALA A 273 -40.33 5.38 -13.97
CA ALA A 273 -40.74 3.99 -13.76
C ALA A 273 -41.52 3.39 -14.93
N ASN A 274 -42.52 4.11 -15.49
CA ASN A 274 -43.42 3.52 -16.49
C ASN A 274 -43.16 3.87 -17.96
N ILE A 275 -42.04 4.53 -18.23
CA ILE A 275 -41.72 5.00 -19.57
C ILE A 275 -41.39 3.81 -20.43
N PRO A 276 -41.91 3.73 -21.65
CA PRO A 276 -41.60 2.52 -22.42
C PRO A 276 -40.18 2.56 -22.95
N GLY A 277 -39.71 1.40 -23.41
CA GLY A 277 -38.36 1.28 -23.95
C GLY A 277 -37.38 0.75 -22.93
N GLY A 278 -36.16 0.54 -23.39
CA GLY A 278 -35.10 0.09 -22.52
C GLY A 278 -35.25 -1.37 -22.16
N ILE A 279 -34.41 -1.79 -21.24
CA ILE A 279 -34.35 -3.18 -20.84
C ILE A 279 -35.59 -3.39 -19.96
N ASN A 280 -35.95 -2.36 -19.20
CA ASN A 280 -36.99 -2.46 -18.19
C ASN A 280 -38.38 -1.91 -18.61
N GLY A 281 -38.67 -1.87 -19.91
CA GLY A 281 -40.00 -1.38 -20.36
C GLY A 281 -40.40 -1.93 -21.71
N ALA B 1 -3.83 17.04 20.75
CA ALA B 1 -3.80 15.76 19.96
C ALA B 1 -2.52 15.65 19.10
N GLU B 2 -2.27 14.44 18.58
CA GLU B 2 -1.10 14.20 17.69
C GLU B 2 -1.53 14.22 16.21
N TYR B 3 -0.85 15.09 15.45
CA TYR B 3 -0.94 15.14 13.99
C TYR B 3 -0.49 13.82 13.37
N GLN B 4 -1.21 13.34 12.34
CA GLN B 4 -0.88 12.05 11.77
C GLN B 4 -0.42 12.08 10.33
N ASN B 5 -0.38 13.27 9.73
CA ASN B 5 0.14 13.41 8.39
C ASN B 5 -0.63 12.66 7.34
N ILE B 6 -1.94 12.48 7.57
CA ILE B 6 -2.88 11.97 6.55
C ILE B 6 -3.38 13.07 5.61
N PHE B 7 -3.57 14.28 6.14
CA PHE B 7 -3.86 15.45 5.36
C PHE B 7 -2.88 16.51 5.82
N SER B 8 -2.50 17.42 4.94
CA SER B 8 -1.55 18.45 5.30
C SER B 8 -2.19 19.54 6.11
N GLN B 9 -1.41 20.25 6.93
CA GLN B 9 -1.94 21.35 7.71
C GLN B 9 -1.79 22.66 6.99
N VAL B 10 -0.72 22.80 6.23
CA VAL B 10 -0.44 24.05 5.51
C VAL B 10 0.03 23.68 4.11
N GLN B 11 -0.55 24.32 3.11
CA GLN B 11 -0.12 24.15 1.73
C GLN B 11 0.74 25.28 1.28
N VAL B 12 1.75 24.96 0.48
CA VAL B 12 2.60 26.05 -0.09
C VAL B 12 2.58 25.87 -1.60
N ARG B 13 2.71 26.96 -2.31
CA ARG B 13 2.67 26.89 -3.75
C ARG B 13 3.78 27.79 -4.26
N GLY B 14 4.39 27.34 -5.36
CA GLY B 14 5.37 28.15 -6.11
C GLY B 14 5.03 28.16 -7.58
N PRO B 15 5.96 28.62 -8.42
CA PRO B 15 5.68 28.63 -9.83
C PRO B 15 5.41 27.22 -10.29
N ALA B 16 4.51 27.08 -11.25
CA ALA B 16 4.16 25.80 -11.85
C ALA B 16 5.43 25.03 -12.23
N ASP B 17 5.42 23.77 -11.86
CA ASP B 17 6.57 22.93 -12.14
C ASP B 17 6.38 22.31 -13.52
N LEU B 18 7.16 22.75 -14.50
CA LEU B 18 7.05 22.22 -15.87
C LEU B 18 7.78 20.90 -16.13
N GLY B 19 8.50 20.44 -15.14
CA GLY B 19 9.06 19.10 -15.15
C GLY B 19 10.48 19.06 -15.70
N MET B 20 11.11 17.89 -15.55
N MET B 20 11.06 17.87 -15.58
CA MET B 20 12.43 17.66 -16.08
CA MET B 20 12.38 17.57 -16.10
C MET B 20 12.33 17.51 -17.59
C MET B 20 12.29 17.54 -17.62
N THR B 21 13.35 17.92 -18.30
CA THR B 21 13.32 17.95 -19.76
C THR B 21 13.92 16.66 -20.30
N GLU B 22 15.15 16.34 -19.88
CA GLU B 22 15.87 15.17 -20.42
C GLU B 22 15.72 15.13 -21.94
N ASP B 23 15.27 14.02 -22.53
CA ASP B 23 15.10 13.94 -23.98
C ASP B 23 13.64 14.13 -24.42
N VAL B 24 12.77 14.66 -23.55
CA VAL B 24 11.38 14.88 -23.88
C VAL B 24 11.26 15.97 -24.94
N ASN B 25 10.37 15.75 -25.91
CA ASN B 25 10.11 16.82 -26.94
C ASN B 25 9.15 17.84 -26.32
N LEU B 26 9.65 18.93 -25.80
CA LEU B 26 8.85 19.86 -25.02
C LEU B 26 7.70 20.42 -25.81
N ALA B 27 7.82 20.40 -27.15
CA ALA B 27 6.77 20.89 -28.01
C ALA B 27 5.49 20.08 -27.84
N ASN B 28 5.58 18.85 -27.34
CA ASN B 28 4.37 18.07 -27.15
C ASN B 28 3.78 18.19 -25.74
N ARG B 29 4.40 18.99 -24.85
CA ARG B 29 3.79 19.19 -23.51
C ARG B 29 2.80 20.29 -23.54
N SER B 30 1.66 20.10 -22.88
CA SER B 30 0.67 21.17 -22.69
C SER B 30 1.20 22.23 -21.75
N GLY B 31 0.45 23.34 -21.63
CA GLY B 31 0.64 24.23 -20.47
C GLY B 31 0.10 23.53 -19.24
N VAL B 32 0.33 24.15 -18.07
CA VAL B 32 -0.21 23.61 -16.83
C VAL B 32 -1.71 23.81 -16.76
N GLY B 33 -2.39 22.91 -16.05
CA GLY B 33 -3.80 23.08 -15.70
C GLY B 33 -3.93 23.95 -14.47
N PRO B 34 -5.12 23.96 -13.88
CA PRO B 34 -5.39 24.82 -12.73
C PRO B 34 -4.83 24.09 -11.50
N PHE B 35 -4.67 24.79 -10.40
CA PHE B 35 -4.21 24.18 -9.15
C PHE B 35 -5.46 23.93 -8.38
N SER B 36 -5.49 22.80 -7.68
CA SER B 36 -6.61 22.43 -6.89
C SER B 36 -6.20 22.39 -5.42
N THR B 37 -6.72 23.33 -4.64
CA THR B 37 -6.47 23.35 -3.20
C THR B 37 -7.09 22.15 -2.52
N LEU B 38 -8.19 21.68 -3.08
CA LEU B 38 -8.85 20.48 -2.52
C LEU B 38 -7.95 19.31 -2.61
N LEU B 39 -7.39 19.03 -3.77
CA LEU B 39 -6.47 17.94 -3.93
C LEU B 39 -5.25 18.13 -3.08
N GLY B 40 -4.83 19.40 -2.95
CA GLY B 40 -3.62 19.76 -2.22
C GLY B 40 -3.61 19.41 -0.74
N TRP B 41 -4.75 19.11 -0.13
CA TRP B 41 -4.74 18.62 1.25
C TRP B 41 -4.23 17.22 1.35
N PHE B 42 -4.31 16.47 0.27
CA PHE B 42 -3.98 15.05 0.32
C PHE B 42 -2.75 14.75 -0.54
N GLY B 43 -2.63 15.40 -1.69
CA GLY B 43 -1.50 15.19 -2.55
C GLY B 43 -1.13 16.53 -3.15
N ASN B 44 -0.54 16.47 -4.32
CA ASN B 44 -0.12 17.65 -5.04
C ASN B 44 -1.34 18.38 -5.53
N ALA B 45 -1.25 19.70 -5.49
CA ALA B 45 -2.28 20.63 -5.96
C ALA B 45 -2.22 20.80 -7.47
N GLN B 46 -1.05 20.62 -8.06
CA GLN B 46 -0.87 21.02 -9.44
C GLN B 46 -1.50 20.04 -10.38
N LEU B 47 -2.22 20.54 -11.39
N LEU B 47 -2.26 20.52 -11.37
CA LEU B 47 -2.70 19.73 -12.50
CA LEU B 47 -2.69 19.70 -12.51
C LEU B 47 -1.92 20.08 -13.78
C LEU B 47 -1.88 20.07 -13.75
N GLY B 48 -1.52 19.05 -14.53
CA GLY B 48 -0.75 19.26 -15.76
C GLY B 48 0.70 19.61 -15.48
N PRO B 49 1.49 19.80 -16.53
CA PRO B 49 1.13 19.62 -17.91
C PRO B 49 1.03 18.14 -18.25
N ILE B 50 0.47 17.84 -19.42
CA ILE B 50 0.41 16.47 -19.93
C ILE B 50 1.20 16.47 -21.21
N TYR B 51 1.78 15.32 -21.55
CA TYR B 51 2.47 15.15 -22.81
C TYR B 51 1.52 14.55 -23.77
N LEU B 52 1.35 15.11 -24.96
CA LEU B 52 0.55 14.38 -25.89
C LEU B 52 1.11 14.46 -27.27
N GLY B 53 1.77 13.40 -27.69
CA GLY B 53 2.32 13.30 -29.04
C GLY B 53 1.36 12.53 -29.91
N SER B 54 1.83 12.05 -31.03
CA SER B 54 0.96 11.41 -32.00
C SER B 54 0.41 10.15 -31.41
N LEU B 55 1.23 9.43 -30.66
CA LEU B 55 0.75 8.19 -30.09
C LEU B 55 -0.33 8.45 -29.06
N GLY B 56 -0.16 9.49 -28.26
CA GLY B 56 -1.15 9.79 -27.22
C GLY B 56 -2.46 10.22 -27.86
N VAL B 57 -2.41 10.98 -28.93
CA VAL B 57 -3.63 11.39 -29.62
C VAL B 57 -4.37 10.21 -30.19
N LEU B 58 -3.63 9.32 -30.83
CA LEU B 58 -4.22 8.08 -31.34
C LEU B 58 -4.90 7.29 -30.22
N SER B 59 -4.20 7.17 -29.11
CA SER B 59 -4.71 6.41 -27.97
C SER B 59 -5.98 7.02 -27.38
N LEU B 60 -6.02 8.33 -27.18
CA LEU B 60 -7.23 9.00 -26.67
C LEU B 60 -8.36 8.95 -27.70
N PHE B 61 -8.05 9.18 -28.97
CA PHE B 61 -9.08 9.09 -30.02
C PHE B 61 -9.74 7.71 -30.02
N SER B 62 -8.90 6.70 -29.96
CA SER B 62 -9.34 5.34 -30.07
C SER B 62 -10.13 4.90 -28.83
N GLY B 63 -9.64 5.24 -27.66
CA GLY B 63 -10.36 5.07 -26.43
C GLY B 63 -11.69 5.78 -26.41
N LEU B 64 -11.76 7.02 -26.93
CA LEU B 64 -13.04 7.73 -27.01
C LEU B 64 -14.00 7.05 -27.95
N MET B 65 -13.50 6.56 -29.07
N MET B 65 -13.51 6.54 -29.07
CA MET B 65 -14.33 5.84 -30.05
CA MET B 65 -14.39 5.88 -30.02
C MET B 65 -14.92 4.56 -29.45
C MET B 65 -14.92 4.53 -29.48
N TRP B 66 -14.15 3.87 -28.62
CA TRP B 66 -14.59 2.67 -27.92
C TRP B 66 -15.78 3.00 -27.00
N PHE B 67 -15.58 4.01 -26.16
CA PHE B 67 -16.58 4.47 -25.22
C PHE B 67 -17.81 4.98 -25.95
N PHE B 68 -17.65 5.74 -27.02
CA PHE B 68 -18.81 6.25 -27.75
C PHE B 68 -19.53 5.19 -28.56
N THR B 69 -18.81 4.20 -29.09
CA THR B 69 -19.47 3.08 -29.76
C THR B 69 -20.40 2.36 -28.74
N ILE B 70 -19.93 2.12 -27.53
CA ILE B 70 -20.73 1.39 -26.53
C ILE B 70 -21.91 2.29 -26.20
N GLY B 71 -21.61 3.57 -26.04
CA GLY B 71 -22.60 4.57 -25.65
C GLY B 71 -23.73 4.84 -26.60
N ILE B 72 -23.42 4.90 -27.89
CA ILE B 72 -24.47 5.01 -28.88
C ILE B 72 -25.34 3.74 -28.92
N TRP B 73 -24.73 2.58 -28.74
CA TRP B 73 -25.50 1.33 -28.63
C TRP B 73 -26.44 1.45 -27.43
N PHE B 74 -25.95 1.91 -26.29
CA PHE B 74 -26.81 2.17 -25.13
C PHE B 74 -28.01 3.08 -25.49
N TRP B 75 -27.75 4.22 -26.11
CA TRP B 75 -28.83 5.12 -26.54
C TRP B 75 -29.80 4.40 -27.44
N TYR B 76 -29.30 3.65 -28.41
CA TYR B 76 -30.14 2.84 -29.23
C TYR B 76 -31.03 1.94 -28.39
N GLN B 77 -30.45 1.21 -27.45
CA GLN B 77 -31.21 0.32 -26.56
C GLN B 77 -32.20 1.10 -25.70
N ALA B 78 -31.92 2.39 -25.49
CA ALA B 78 -32.75 3.25 -24.65
C ALA B 78 -33.94 3.80 -25.45
N GLY B 79 -34.06 3.38 -26.70
CA GLY B 79 -34.97 4.02 -27.63
C GLY B 79 -34.70 5.51 -27.71
N TRP B 80 -33.44 5.91 -27.59
CA TRP B 80 -33.05 7.30 -27.71
C TRP B 80 -33.70 8.21 -26.67
N ASN B 81 -34.19 7.62 -25.58
CA ASN B 81 -34.88 8.37 -24.53
C ASN B 81 -33.97 8.62 -23.33
N PRO B 82 -33.63 9.89 -23.05
CA PRO B 82 -32.73 10.24 -21.96
C PRO B 82 -33.15 9.74 -20.60
N ALA B 83 -34.45 9.71 -20.33
CA ALA B 83 -34.98 9.19 -19.09
C ALA B 83 -34.72 7.69 -18.98
N VAL B 84 -35.04 6.95 -20.03
CA VAL B 84 -34.75 5.52 -20.10
C VAL B 84 -33.23 5.26 -20.01
N PHE B 85 -32.43 6.03 -20.75
CA PHE B 85 -30.95 5.95 -20.66
C PHE B 85 -30.41 5.99 -19.23
N LEU B 86 -30.90 6.94 -18.42
CA LEU B 86 -30.47 6.99 -17.03
C LEU B 86 -31.07 5.84 -16.19
N ARG B 87 -32.31 5.46 -16.50
CA ARG B 87 -33.03 4.48 -15.68
C ARG B 87 -32.35 3.13 -15.75
N ASP B 88 -32.06 2.70 -16.98
CA ASP B 88 -31.57 1.38 -17.26
C ASP B 88 -30.06 1.33 -17.58
N LEU B 89 -29.32 2.36 -17.15
CA LEU B 89 -27.93 2.55 -17.59
C LEU B 89 -27.07 1.34 -17.30
N PHE B 90 -27.22 0.75 -16.12
CA PHE B 90 -26.38 -0.37 -15.77
C PHE B 90 -26.87 -1.70 -16.39
N PHE B 91 -28.02 -1.70 -17.07
CA PHE B 91 -28.59 -2.93 -17.71
C PHE B 91 -28.27 -3.06 -19.17
N PHE B 92 -27.89 -1.95 -19.82
CA PHE B 92 -27.56 -1.97 -21.22
C PHE B 92 -26.29 -2.74 -21.39
N SER B 93 -26.13 -3.31 -22.58
CA SER B 93 -24.93 -4.11 -22.85
C SER B 93 -24.66 -4.25 -24.32
N LEU B 94 -23.42 -4.07 -24.74
CA LEU B 94 -22.97 -4.39 -26.09
C LEU B 94 -22.30 -5.75 -26.06
N GLU B 95 -22.90 -6.71 -26.74
CA GLU B 95 -22.60 -8.13 -26.59
C GLU B 95 -21.86 -8.63 -27.82
N PRO B 96 -20.99 -9.63 -27.66
CA PRO B 96 -20.31 -10.19 -28.80
C PRO B 96 -21.20 -11.02 -29.72
N PRO B 97 -20.68 -11.36 -30.91
CA PRO B 97 -21.35 -12.27 -31.83
C PRO B 97 -21.82 -13.58 -31.18
N ALA B 98 -22.87 -14.14 -31.71
CA ALA B 98 -23.39 -15.42 -31.22
C ALA B 98 -22.35 -16.49 -31.62
N PRO B 99 -22.34 -17.65 -30.96
CA PRO B 99 -21.33 -18.69 -31.20
C PRO B 99 -21.29 -19.19 -32.65
N GLU B 100 -22.43 -19.13 -33.31
CA GLU B 100 -22.54 -19.62 -34.69
C GLU B 100 -21.68 -18.80 -35.65
N TYR B 101 -21.29 -17.60 -35.24
CA TYR B 101 -20.43 -16.77 -36.07
C TYR B 101 -18.97 -17.13 -35.93
N GLY B 102 -18.65 -18.00 -34.98
CA GLY B 102 -17.26 -18.38 -34.76
C GLY B 102 -16.38 -17.15 -34.54
N LEU B 103 -15.22 -17.13 -35.19
CA LEU B 103 -14.31 -15.97 -35.16
C LEU B 103 -14.42 -15.05 -36.41
N SER B 104 -15.43 -15.27 -37.24
CA SER B 104 -15.61 -14.42 -38.41
C SER B 104 -16.02 -13.02 -38.00
N PHE B 105 -15.88 -12.09 -38.96
CA PHE B 105 -16.36 -10.72 -38.81
C PHE B 105 -17.65 -10.45 -39.60
N ALA B 106 -18.48 -11.47 -39.74
CA ALA B 106 -19.62 -11.43 -40.62
C ALA B 106 -20.91 -11.19 -39.88
N ALA B 107 -20.86 -11.05 -38.54
CA ALA B 107 -22.08 -10.83 -37.78
C ALA B 107 -22.58 -9.42 -38.11
N PRO B 108 -23.90 -9.25 -38.23
CA PRO B 108 -24.48 -7.92 -38.45
C PRO B 108 -24.14 -6.96 -37.34
N LEU B 109 -24.16 -5.67 -37.63
CA LEU B 109 -23.76 -4.66 -36.66
C LEU B 109 -24.50 -4.80 -35.36
N LYS B 110 -25.79 -5.10 -35.45
CA LYS B 110 -26.62 -5.12 -34.26
C LYS B 110 -26.52 -6.44 -33.57
N GLU B 111 -25.85 -7.42 -34.18
CA GLU B 111 -25.72 -8.75 -33.58
C GLU B 111 -24.28 -9.21 -33.42
N GLY B 112 -23.42 -8.28 -33.08
CA GLY B 112 -22.03 -8.59 -32.76
C GLY B 112 -21.04 -7.65 -33.41
N GLY B 113 -21.38 -7.19 -34.61
CA GLY B 113 -20.49 -6.35 -35.40
C GLY B 113 -20.00 -5.12 -34.66
N LEU B 114 -20.93 -4.43 -34.00
CA LEU B 114 -20.57 -3.22 -33.25
C LEU B 114 -19.69 -3.61 -32.07
N TRP B 115 -19.88 -4.79 -31.47
CA TRP B 115 -19.01 -5.24 -30.41
C TRP B 115 -17.59 -5.36 -30.95
N LEU B 116 -17.45 -5.94 -32.13
CA LEU B 116 -16.12 -6.10 -32.77
C LEU B 116 -15.45 -4.77 -33.07
N ILE B 117 -16.24 -3.82 -33.60
CA ILE B 117 -15.71 -2.46 -33.83
C ILE B 117 -15.27 -1.84 -32.52
N ALA B 118 -16.15 -1.85 -31.50
CA ALA B 118 -15.75 -1.29 -30.25
C ALA B 118 -14.45 -1.95 -29.79
N SER B 119 -14.38 -3.28 -29.85
CA SER B 119 -13.23 -4.03 -29.30
C SER B 119 -11.97 -3.66 -30.04
N PHE B 120 -12.10 -3.53 -31.36
CA PHE B 120 -10.98 -3.06 -32.16
C PHE B 120 -10.46 -1.73 -31.63
N PHE B 121 -11.35 -0.76 -31.40
CA PHE B 121 -10.89 0.53 -30.86
C PHE B 121 -10.24 0.37 -29.48
N MET B 122 -10.73 -0.54 -28.65
CA MET B 122 -10.14 -0.72 -27.34
C MET B 122 -8.74 -1.30 -27.49
N PHE B 123 -8.58 -2.23 -28.42
CA PHE B 123 -7.28 -2.88 -28.66
C PHE B 123 -6.21 -1.84 -29.00
N VAL B 124 -6.53 -0.96 -29.94
CA VAL B 124 -5.62 0.11 -30.36
C VAL B 124 -5.37 1.09 -29.18
N ALA B 125 -6.39 1.40 -28.38
CA ALA B 125 -6.21 2.40 -27.33
C ALA B 125 -5.24 1.90 -26.29
N VAL B 126 -5.43 0.65 -25.89
CA VAL B 126 -4.68 0.10 -24.79
C VAL B 126 -3.24 -0.18 -25.23
N TRP B 127 -3.04 -0.72 -26.43
CA TRP B 127 -1.66 -1.05 -26.82
C TRP B 127 -0.90 0.23 -27.14
N SER B 128 -1.54 1.22 -27.79
CA SER B 128 -0.86 2.55 -27.96
C SER B 128 -0.55 3.21 -26.60
N TRP B 129 -1.45 3.10 -25.63
CA TRP B 129 -1.17 3.59 -24.28
C TRP B 129 -0.02 2.82 -23.66
N TRP B 130 0.04 1.52 -23.88
CA TRP B 130 1.22 0.74 -23.43
C TRP B 130 2.49 1.34 -24.03
N GLY B 131 2.43 1.63 -25.31
CA GLY B 131 3.59 2.23 -25.99
C GLY B 131 4.01 3.53 -25.30
N ARG B 132 3.03 4.37 -24.94
CA ARG B 132 3.27 5.60 -24.17
C ARG B 132 3.99 5.37 -22.87
N THR B 133 3.57 4.36 -22.13
CA THR B 133 4.21 4.15 -20.81
C THR B 133 5.67 3.83 -21.05
N TYR B 134 6.00 3.15 -22.14
CA TYR B 134 7.38 2.80 -22.42
C TYR B 134 8.16 4.04 -22.85
N LEU B 135 7.60 4.76 -23.80
CA LEU B 135 8.29 5.88 -24.42
C LEU B 135 8.39 7.06 -23.49
N ARG B 136 7.40 7.30 -22.64
CA ARG B 136 7.52 8.39 -21.65
C ARG B 136 8.67 8.15 -20.66
N ALA B 137 8.87 6.89 -20.29
CA ALA B 137 9.98 6.52 -19.39
C ALA B 137 11.28 6.63 -20.14
N GLN B 138 11.28 6.20 -21.39
CA GLN B 138 12.50 6.22 -22.15
C GLN B 138 12.95 7.67 -22.30
N ALA B 139 12.00 8.57 -22.60
CA ALA B 139 12.41 9.97 -22.87
C ALA B 139 13.03 10.67 -21.64
N LEU B 140 12.68 10.20 -20.48
CA LEU B 140 13.22 10.68 -19.22
C LEU B 140 14.43 9.86 -18.70
N GLY B 141 14.83 8.81 -19.41
CA GLY B 141 15.99 8.01 -19.00
C GLY B 141 15.72 7.02 -17.90
N MET B 142 14.44 6.72 -17.68
CA MET B 142 14.02 5.87 -16.58
C MET B 142 13.97 4.43 -17.04
N GLY B 143 14.03 3.53 -16.07
CA GLY B 143 13.81 2.15 -16.43
C GLY B 143 12.34 1.95 -16.86
N LYS B 144 12.01 0.74 -17.35
CA LYS B 144 10.79 0.46 -18.00
C LYS B 144 9.87 -0.35 -17.11
N HIS B 145 10.01 -0.20 -15.81
CA HIS B 145 9.25 -1.02 -14.89
C HIS B 145 7.75 -0.80 -15.06
N THR B 146 7.34 0.42 -15.39
CA THR B 146 5.91 0.67 -15.49
C THR B 146 5.28 -0.07 -16.68
N ALA B 147 5.91 0.06 -17.85
CA ALA B 147 5.48 -0.63 -19.03
C ALA B 147 5.46 -2.13 -18.75
N TRP B 148 6.44 -2.67 -18.02
CA TRP B 148 6.41 -4.13 -17.70
C TRP B 148 5.31 -4.47 -16.75
N ALA B 149 5.13 -3.70 -15.70
CA ALA B 149 3.99 -3.91 -14.80
C ALA B 149 2.65 -3.79 -15.54
N PHE B 150 2.49 -2.78 -16.39
CA PHE B 150 1.23 -2.62 -17.13
C PHE B 150 0.91 -3.83 -18.03
N LEU B 151 1.95 -4.44 -18.57
CA LEU B 151 1.80 -5.64 -19.39
C LEU B 151 1.19 -6.82 -18.63
N SER B 152 1.37 -6.88 -17.31
CA SER B 152 0.70 -7.93 -16.56
C SER B 152 -0.79 -7.68 -16.57
N ALA B 153 -1.24 -6.43 -16.41
CA ALA B 153 -2.69 -6.12 -16.49
C ALA B 153 -3.21 -6.44 -17.87
N ILE B 154 -2.44 -6.05 -18.87
CA ILE B 154 -2.77 -6.26 -20.29
C ILE B 154 -2.93 -7.74 -20.59
N TRP B 155 -2.09 -8.58 -19.98
CA TRP B 155 -2.21 -10.04 -20.13
C TRP B 155 -3.62 -10.50 -19.74
N LEU B 156 -4.12 -10.15 -18.56
CA LEU B 156 -5.47 -10.61 -18.20
C LEU B 156 -6.51 -10.06 -19.20
N TRP B 157 -6.50 -8.76 -19.48
CA TRP B 157 -7.42 -8.18 -20.48
C TRP B 157 -7.37 -8.92 -21.81
N MET B 158 -6.18 -9.21 -22.32
CA MET B 158 -6.03 -9.91 -23.58
C MET B 158 -6.55 -11.33 -23.53
N VAL B 159 -6.26 -12.02 -22.43
CA VAL B 159 -6.78 -13.41 -22.27
C VAL B 159 -8.29 -13.39 -22.34
N LEU B 160 -8.90 -12.48 -21.57
CA LEU B 160 -10.36 -12.36 -21.48
C LEU B 160 -11.04 -12.07 -22.82
N GLY B 161 -10.56 -11.10 -23.59
CA GLY B 161 -11.28 -10.63 -24.76
C GLY B 161 -10.71 -11.15 -26.07
N PHE B 162 -9.51 -11.72 -26.06
CA PHE B 162 -8.84 -11.97 -27.34
C PHE B 162 -8.21 -13.36 -27.44
N ILE B 163 -7.30 -13.71 -26.53
CA ILE B 163 -6.59 -14.99 -26.64
C ILE B 163 -7.52 -16.18 -26.35
N ARG B 164 -8.29 -16.09 -25.26
CA ARG B 164 -9.13 -17.20 -24.90
C ARG B 164 -10.25 -17.34 -25.93
N PRO B 165 -10.94 -16.25 -26.29
CA PRO B 165 -11.95 -16.46 -27.36
C PRO B 165 -11.39 -17.06 -28.64
N ILE B 166 -10.20 -16.64 -29.08
CA ILE B 166 -9.58 -17.24 -30.27
C ILE B 166 -9.28 -18.72 -30.05
N LEU B 167 -8.70 -19.06 -28.91
CA LEU B 167 -8.43 -20.47 -28.64
C LEU B 167 -9.73 -21.23 -28.52
N MET B 168 -10.80 -20.69 -27.93
CA MET B 168 -12.08 -21.43 -27.88
C MET B 168 -12.77 -21.51 -29.26
N GLY B 169 -12.33 -20.69 -30.23
CA GLY B 169 -12.94 -20.68 -31.58
C GLY B 169 -14.16 -19.80 -31.76
N SER B 170 -14.43 -18.88 -30.82
CA SER B 170 -15.53 -17.92 -31.03
C SER B 170 -15.46 -16.69 -30.19
N TRP B 171 -15.92 -15.59 -30.76
CA TRP B 171 -15.95 -14.30 -30.05
C TRP B 171 -17.06 -14.29 -28.99
N SER B 172 -18.02 -15.19 -29.11
CA SER B 172 -19.08 -15.30 -28.14
C SER B 172 -18.57 -15.53 -26.72
N GLU B 173 -17.35 -16.03 -26.62
CA GLU B 173 -16.71 -16.31 -25.31
C GLU B 173 -16.18 -15.08 -24.60
N ALA B 174 -16.13 -13.93 -25.29
CA ALA B 174 -15.50 -12.71 -24.78
C ALA B 174 -16.47 -11.95 -23.86
N VAL B 175 -15.96 -10.91 -23.21
CA VAL B 175 -16.74 -10.15 -22.22
C VAL B 175 -17.58 -9.04 -22.91
N PRO B 176 -18.86 -8.93 -22.54
CA PRO B 176 -19.66 -7.85 -23.05
C PRO B 176 -19.35 -6.54 -22.37
N TYR B 177 -19.64 -5.44 -23.05
CA TYR B 177 -19.46 -4.12 -22.51
C TYR B 177 -20.77 -3.66 -21.85
N GLY B 178 -20.85 -3.85 -20.53
CA GLY B 178 -21.97 -3.38 -19.74
C GLY B 178 -21.65 -3.57 -18.28
N ILE B 179 -22.31 -2.79 -17.42
CA ILE B 179 -22.01 -2.81 -16.02
C ILE B 179 -22.54 -4.11 -15.43
N PHE B 180 -23.83 -4.31 -15.37
CA PHE B 180 -24.35 -5.58 -14.85
C PHE B 180 -23.93 -6.77 -15.73
N SER B 181 -24.02 -6.61 -17.04
CA SER B 181 -23.76 -7.74 -17.93
C SER B 181 -22.38 -8.31 -17.78
N HIS B 182 -21.35 -7.51 -17.49
CA HIS B 182 -20.03 -8.10 -17.28
C HIS B 182 -19.87 -8.83 -15.91
N LEU B 183 -20.69 -8.47 -14.93
CA LEU B 183 -20.72 -9.17 -13.65
C LEU B 183 -21.46 -10.49 -13.87
N ASP B 184 -22.58 -10.47 -14.61
CA ASP B 184 -23.31 -11.69 -14.96
C ASP B 184 -22.37 -12.68 -15.72
N TRP B 185 -21.60 -12.16 -16.66
CA TRP B 185 -20.55 -12.94 -17.41
C TRP B 185 -19.59 -13.62 -16.45
N THR B 186 -19.09 -12.86 -15.47
CA THR B 186 -18.11 -13.38 -14.49
C THR B 186 -18.66 -14.53 -13.65
N ASN B 187 -19.85 -14.34 -13.09
CA ASN B 187 -20.56 -15.38 -12.37
C ASN B 187 -20.72 -16.56 -13.26
N ASN B 188 -21.24 -16.36 -14.47
CA ASN B 188 -21.49 -17.51 -15.35
C ASN B 188 -20.21 -18.27 -15.71
N PHE B 189 -19.15 -17.54 -15.93
CA PHE B 189 -17.87 -18.14 -16.27
C PHE B 189 -17.46 -19.14 -15.18
N SER B 190 -17.67 -18.76 -13.92
CA SER B 190 -17.28 -19.59 -12.80
C SER B 190 -18.21 -20.78 -12.77
N LEU B 191 -19.52 -20.57 -12.89
CA LEU B 191 -20.47 -21.69 -12.81
C LEU B 191 -20.17 -22.73 -13.89
N VAL B 192 -19.99 -22.25 -15.10
CA VAL B 192 -19.73 -23.11 -16.23
C VAL B 192 -18.42 -23.88 -16.12
N HIS B 193 -17.41 -23.36 -15.38
CA HIS B 193 -16.13 -24.09 -15.29
C HIS B 193 -15.97 -24.75 -13.93
N GLY B 194 -17.06 -25.03 -13.23
CA GLY B 194 -16.99 -25.89 -12.07
C GLY B 194 -16.65 -25.28 -10.76
N ASN B 195 -16.70 -23.93 -10.73
CA ASN B 195 -16.45 -23.11 -9.56
C ASN B 195 -14.99 -22.69 -9.57
N LEU B 196 -14.71 -21.41 -9.80
CA LEU B 196 -13.32 -21.00 -9.93
C LEU B 196 -12.55 -21.12 -8.62
N PHE B 197 -13.24 -21.28 -7.49
CA PHE B 197 -12.54 -21.53 -6.20
C PHE B 197 -11.70 -22.78 -6.26
N TYR B 198 -11.92 -23.64 -7.24
CA TYR B 198 -11.13 -24.84 -7.40
C TYR B 198 -9.96 -24.68 -8.39
N ASN B 199 -9.83 -23.51 -8.98
CA ASN B 199 -8.77 -23.21 -9.89
C ASN B 199 -7.64 -22.62 -9.06
N PRO B 200 -6.49 -23.32 -9.01
CA PRO B 200 -5.40 -22.91 -8.12
C PRO B 200 -4.85 -21.55 -8.50
N PHE B 201 -4.90 -21.21 -9.77
CA PHE B 201 -4.42 -19.86 -10.19
C PHE B 201 -5.37 -18.78 -9.75
N HIS B 202 -6.68 -19.09 -9.60
CA HIS B 202 -7.61 -18.14 -8.97
C HIS B 202 -7.29 -17.94 -7.47
N GLY B 203 -7.07 -19.03 -6.73
CA GLY B 203 -6.72 -18.86 -5.35
C GLY B 203 -5.45 -18.06 -5.17
N LEU B 204 -4.47 -18.24 -6.06
CA LEU B 204 -3.26 -17.46 -6.05
C LEU B 204 -3.57 -16.03 -6.37
N SER B 205 -4.38 -15.79 -7.40
CA SER B 205 -4.70 -14.40 -7.76
C SER B 205 -5.30 -13.71 -6.51
N ILE B 206 -6.16 -14.40 -5.80
CA ILE B 206 -6.78 -13.81 -4.59
C ILE B 206 -5.71 -13.54 -3.53
N ALA B 207 -4.79 -14.51 -3.30
CA ALA B 207 -3.70 -14.33 -2.30
C ALA B 207 -2.92 -13.06 -2.64
N PHE B 208 -2.61 -12.86 -3.90
CA PHE B 208 -1.88 -11.60 -4.30
C PHE B 208 -2.71 -10.32 -4.21
N LEU B 209 -4.02 -10.42 -4.49
CA LEU B 209 -4.89 -9.28 -4.38
C LEU B 209 -5.04 -8.86 -2.95
N TYR B 210 -5.41 -9.81 -2.12
CA TYR B 210 -5.48 -9.53 -0.68
C TYR B 210 -4.09 -9.08 -0.21
N GLY B 211 -3.06 -9.73 -0.74
CA GLY B 211 -1.67 -9.47 -0.29
C GLY B 211 -1.25 -8.06 -0.69
N SER B 212 -1.74 -7.56 -1.83
CA SER B 212 -1.46 -6.18 -2.25
C SER B 212 -2.06 -5.16 -1.29
N ALA B 213 -3.24 -5.44 -0.74
CA ALA B 213 -3.86 -4.57 0.26
C ALA B 213 -3.12 -4.68 1.61
N LEU B 214 -2.77 -5.89 1.98
CA LEU B 214 -1.90 -6.10 3.19
C LEU B 214 -0.64 -5.27 3.03
N LEU B 215 0.05 -5.45 1.90
CA LEU B 215 1.33 -4.82 1.70
C LEU B 215 1.26 -3.32 1.52
N PHE B 216 0.26 -2.77 0.83
CA PHE B 216 0.25 -1.32 0.68
C PHE B 216 -0.21 -0.68 1.98
N ALA B 217 -1.06 -1.36 2.74
CA ALA B 217 -1.41 -0.88 4.06
C ALA B 217 -0.11 -0.88 4.93
N MET B 218 0.63 -2.00 4.99
CA MET B 218 1.94 -2.04 5.68
C MET B 218 2.86 -0.93 5.28
N HIS B 219 3.10 -0.83 3.98
CA HIS B 219 4.05 0.11 3.43
C HIS B 219 3.64 1.59 3.54
N GLY B 220 2.39 1.92 3.22
CA GLY B 220 1.88 3.27 3.36
C GLY B 220 1.95 3.73 4.79
N ALA B 221 1.52 2.86 5.70
CA ALA B 221 1.51 3.12 7.15
C ALA B 221 2.95 3.34 7.61
N THR B 222 3.84 2.50 7.12
CA THR B 222 5.23 2.54 7.55
C THR B 222 5.85 3.87 7.17
N ILE B 223 5.74 4.22 5.89
CA ILE B 223 6.31 5.46 5.42
C ILE B 223 5.71 6.68 6.11
N LEU B 224 4.39 6.71 6.30
CA LEU B 224 3.80 7.77 7.08
C LEU B 224 4.33 7.76 8.50
N ALA B 225 4.48 6.58 9.08
CA ALA B 225 5.03 6.50 10.46
C ALA B 225 6.44 7.10 10.61
N VAL B 226 7.29 6.94 9.56
CA VAL B 226 8.61 7.54 9.56
C VAL B 226 8.71 8.83 8.71
N SER B 227 7.58 9.50 8.45
CA SER B 227 7.61 10.75 7.66
C SER B 227 8.18 11.85 8.49
N ARG B 228 8.13 11.71 9.82
CA ARG B 228 8.77 12.65 10.73
C ARG B 228 10.30 12.60 10.64
N PHE B 229 10.83 11.58 9.95
CA PHE B 229 12.27 11.52 9.61
C PHE B 229 12.55 11.59 8.11
N GLY B 230 11.61 12.08 7.34
CA GLY B 230 11.77 12.21 5.91
C GLY B 230 11.58 10.91 5.16
N GLY B 231 10.85 9.98 5.74
CA GLY B 231 10.74 8.67 5.17
C GLY B 231 10.29 8.59 3.71
N GLU B 232 9.43 9.48 3.26
CA GLU B 232 8.88 9.38 1.88
C GLU B 232 9.80 9.81 0.79
N ARG B 233 10.92 10.43 1.18
CA ARG B 233 12.00 10.75 0.25
C ARG B 233 12.80 9.48 0.00
N GLU B 234 12.13 8.56 -0.67
CA GLU B 234 12.60 7.19 -0.78
C GLU B 234 13.84 7.05 -1.62
N LEU B 235 13.94 7.81 -2.68
CA LEU B 235 15.13 7.67 -3.57
C LEU B 235 16.40 8.08 -2.82
N GLU B 236 16.34 9.13 -2.02
CA GLU B 236 17.54 9.52 -1.34
C GLU B 236 17.84 8.62 -0.13
N GLN B 237 16.82 8.01 0.44
CA GLN B 237 16.99 6.99 1.49
C GLN B 237 17.66 5.73 0.93
N ILE B 238 17.39 5.47 -0.36
CA ILE B 238 18.03 4.36 -1.07
C ILE B 238 19.50 4.66 -1.27
N ALA B 239 19.80 5.87 -1.73
CA ALA B 239 21.15 6.31 -1.93
C ALA B 239 21.99 6.53 -0.68
N ASP B 240 21.34 6.86 0.44
CA ASP B 240 22.01 7.33 1.65
C ASP B 240 21.08 7.01 2.81
N ARG B 241 21.05 5.74 3.16
CA ARG B 241 20.14 5.28 4.22
C ARG B 241 20.13 6.19 5.41
N GLY B 242 18.96 6.54 5.90
CA GLY B 242 18.81 7.41 7.08
C GLY B 242 18.04 6.77 8.20
N THR B 243 17.77 7.52 9.25
CA THR B 243 17.15 6.92 10.44
C THR B 243 15.73 6.60 10.09
N ALA B 244 15.15 7.24 9.05
CA ALA B 244 13.77 6.78 8.61
C ALA B 244 13.79 5.35 8.18
N ALA B 245 14.72 5.01 7.31
CA ALA B 245 14.76 3.66 6.72
C ALA B 245 15.17 2.63 7.78
N GLU B 246 16.00 3.03 8.73
CA GLU B 246 16.44 2.10 9.79
C GLU B 246 15.30 1.83 10.76
N ARG B 247 14.58 2.86 11.18
CA ARG B 247 13.40 2.63 12.07
C ARG B 247 12.29 1.83 11.40
N ALA B 248 12.10 2.06 10.11
CA ALA B 248 11.13 1.28 9.36
C ALA B 248 11.47 -0.21 9.30
N ALA B 249 12.73 -0.52 9.01
CA ALA B 249 13.24 -1.86 8.95
C ALA B 249 13.08 -2.52 10.27
N LEU B 250 13.47 -1.81 11.33
CA LEU B 250 13.47 -2.41 12.65
C LEU B 250 12.08 -2.60 13.24
N PHE B 251 11.13 -1.74 12.90
CA PHE B 251 9.75 -2.04 13.29
C PHE B 251 9.38 -3.45 12.83
N TRP B 252 9.65 -3.74 11.56
CA TRP B 252 9.25 -5.04 10.99
C TRP B 252 10.17 -6.14 11.47
N ARG B 253 11.46 -5.86 11.64
N ARG B 253 11.46 -5.87 11.64
CA ARG B 253 12.33 -6.90 12.16
CA ARG B 253 12.36 -6.91 12.15
C ARG B 253 11.84 -7.35 13.53
C ARG B 253 11.92 -7.35 13.56
N TRP B 254 11.58 -6.39 14.39
CA TRP B 254 11.16 -6.69 15.75
C TRP B 254 9.77 -7.32 15.83
N THR B 255 8.90 -6.93 14.90
CA THR B 255 7.53 -7.48 14.82
C THR B 255 7.54 -8.92 14.29
N MET B 256 8.07 -9.15 13.08
CA MET B 256 7.93 -10.41 12.40
C MET B 256 9.23 -11.11 12.08
N GLY B 257 10.36 -10.56 12.55
CA GLY B 257 11.63 -11.23 12.46
C GLY B 257 12.44 -11.05 11.20
N PHE B 258 11.94 -10.27 10.28
CA PHE B 258 12.72 -9.96 9.08
C PHE B 258 12.22 -8.64 8.57
N ASN B 259 12.92 -8.06 7.60
CA ASN B 259 12.56 -6.75 7.11
C ASN B 259 13.03 -6.51 5.69
N ALA B 260 12.68 -5.35 5.14
CA ALA B 260 13.07 -5.00 3.82
C ALA B 260 14.10 -3.87 3.88
N THR B 261 14.44 -3.38 2.71
CA THR B 261 15.16 -2.16 2.59
C THR B 261 14.28 -1.19 1.84
N MET B 262 14.70 0.04 1.77
CA MET B 262 13.95 1.07 1.11
C MET B 262 13.79 0.84 -0.37
N GLU B 263 14.75 0.24 -1.04
CA GLU B 263 14.56 -0.13 -2.41
C GLU B 263 13.77 -1.42 -2.52
N GLY B 264 14.14 -2.42 -1.74
CA GLY B 264 13.60 -3.77 -1.91
C GLY B 264 12.15 -3.91 -1.59
N ILE B 265 11.60 -3.03 -0.75
CA ILE B 265 10.16 -3.10 -0.46
C ILE B 265 9.45 -2.80 -1.75
N HIS B 266 10.06 -1.98 -2.61
CA HIS B 266 9.41 -1.68 -3.90
C HIS B 266 9.44 -2.91 -4.85
N ARG B 267 10.35 -3.86 -4.69
CA ARG B 267 10.35 -5.03 -5.51
C ARG B 267 9.32 -6.02 -4.99
N TRP B 268 9.21 -6.14 -3.67
CA TRP B 268 8.13 -6.93 -3.09
C TRP B 268 6.80 -6.36 -3.60
N ALA B 269 6.68 -5.04 -3.56
CA ALA B 269 5.47 -4.34 -4.02
C ALA B 269 5.12 -4.62 -5.47
N ILE B 270 6.05 -4.40 -6.38
CA ILE B 270 5.73 -4.56 -7.78
C ILE B 270 5.33 -6.01 -8.08
N TRP B 271 5.98 -6.97 -7.44
CA TRP B 271 5.64 -8.37 -7.71
C TRP B 271 4.32 -8.84 -7.09
N MET B 272 4.02 -8.39 -5.88
CA MET B 272 2.78 -8.69 -5.23
C MET B 272 1.65 -8.22 -6.12
N ALA B 273 1.75 -6.99 -6.62
CA ALA B 273 0.78 -6.47 -7.56
C ALA B 273 0.67 -7.21 -8.89
N VAL B 274 1.76 -7.33 -9.64
CA VAL B 274 1.69 -7.94 -10.92
C VAL B 274 1.30 -9.39 -10.89
N LEU B 275 1.58 -10.07 -9.79
CA LEU B 275 1.27 -11.48 -9.77
C LEU B 275 -0.26 -11.70 -9.73
N VAL B 276 -1.00 -10.66 -9.34
CA VAL B 276 -2.50 -10.73 -9.34
C VAL B 276 -2.98 -11.16 -10.73
N THR B 277 -2.61 -10.35 -11.71
CA THR B 277 -3.05 -10.53 -13.05
C THR B 277 -2.23 -11.55 -13.83
N LEU B 278 -0.97 -11.81 -13.45
N LEU B 278 -0.99 -11.80 -13.44
CA LEU B 278 -0.19 -12.86 -14.13
CA LEU B 278 -0.21 -12.83 -14.12
C LEU B 278 -0.80 -14.21 -13.81
C LEU B 278 -0.88 -14.16 -13.81
N THR B 279 -1.00 -14.49 -12.52
CA THR B 279 -1.62 -15.79 -12.14
C THR B 279 -3.08 -15.82 -12.66
N GLY B 280 -3.77 -14.70 -12.57
CA GLY B 280 -5.17 -14.62 -12.99
C GLY B 280 -5.31 -14.96 -14.46
N GLY B 281 -4.47 -14.36 -15.30
CA GLY B 281 -4.58 -14.61 -16.75
C GLY B 281 -4.30 -16.07 -17.11
N ILE B 282 -3.35 -16.69 -16.42
CA ILE B 282 -3.07 -18.11 -16.61
C ILE B 282 -4.34 -18.90 -16.23
N GLY B 283 -4.90 -18.63 -15.06
CA GLY B 283 -6.08 -19.37 -14.60
C GLY B 283 -7.25 -19.30 -15.58
N ILE B 284 -7.47 -18.12 -16.16
CA ILE B 284 -8.58 -17.91 -17.12
C ILE B 284 -8.24 -18.56 -18.43
N LEU B 285 -7.00 -18.42 -18.86
CA LEU B 285 -6.63 -18.95 -20.15
C LEU B 285 -6.75 -20.45 -20.21
N LEU B 286 -6.49 -21.15 -19.10
CA LEU B 286 -6.61 -22.63 -19.05
C LEU B 286 -8.04 -23.12 -18.98
N SER B 287 -8.94 -22.20 -18.64
CA SER B 287 -10.33 -22.51 -18.37
C SER B 287 -11.06 -22.70 -19.67
N GLY B 288 -11.51 -23.92 -19.90
CA GLY B 288 -12.25 -24.23 -21.09
C GLY B 288 -11.37 -24.66 -22.22
N THR B 289 -10.13 -24.20 -22.22
CA THR B 289 -9.16 -24.61 -23.26
C THR B 289 -8.48 -25.95 -22.91
N VAL B 290 -7.97 -26.01 -21.70
CA VAL B 290 -7.29 -27.17 -21.16
C VAL B 290 -8.16 -27.85 -20.07
N VAL B 291 -8.91 -27.06 -19.29
CA VAL B 291 -9.69 -27.58 -18.14
C VAL B 291 -11.17 -27.13 -18.21
N ASP B 292 -12.08 -28.09 -18.40
CA ASP B 292 -13.49 -27.74 -18.52
C ASP B 292 -14.12 -27.52 -17.18
N ASN B 293 -13.53 -28.05 -16.11
CA ASN B 293 -14.20 -28.14 -14.84
C ASN B 293 -13.14 -28.26 -13.74
N TRP B 294 -12.93 -27.16 -13.02
CA TRP B 294 -11.88 -27.12 -12.04
C TRP B 294 -12.12 -28.05 -10.85
N TYR B 295 -13.37 -28.28 -10.45
CA TYR B 295 -13.66 -29.26 -9.40
C TYR B 295 -13.17 -30.61 -9.83
N VAL B 296 -13.55 -31.01 -11.04
CA VAL B 296 -13.15 -32.29 -11.61
C VAL B 296 -11.61 -32.40 -11.67
N TRP B 297 -10.98 -31.32 -12.10
CA TRP B 297 -9.55 -31.30 -12.29
C TRP B 297 -8.85 -31.48 -10.95
N GLY B 298 -9.34 -30.79 -9.95
CA GLY B 298 -8.80 -30.89 -8.62
C GLY B 298 -9.00 -32.25 -7.97
N GLN B 299 -9.91 -33.06 -8.47
CA GLN B 299 -10.05 -34.42 -7.93
C GLN B 299 -8.94 -35.33 -8.44
N ASN B 300 -8.33 -34.99 -9.56
CA ASN B 300 -7.27 -35.82 -10.12
C ASN B 300 -5.86 -35.19 -10.02
N HIS B 301 -5.77 -34.00 -9.42
CA HIS B 301 -4.48 -33.32 -9.38
C HIS B 301 -4.30 -32.55 -8.08
N GLY B 302 -4.17 -31.23 -8.22
CA GLY B 302 -3.48 -30.40 -7.25
C GLY B 302 -2.15 -30.06 -7.91
N PHE C 10 -0.67 -36.49 -18.48
CA PHE C 10 0.24 -35.30 -18.59
C PHE C 10 -0.31 -34.08 -17.81
N ASP C 11 -1.08 -33.27 -18.53
CA ASP C 11 -1.83 -32.12 -18.07
C ASP C 11 -1.05 -30.82 -18.01
N LEU C 12 -1.44 -29.93 -18.90
CA LEU C 12 -0.83 -28.61 -18.99
C LEU C 12 -1.11 -27.75 -17.79
N ALA C 13 -2.26 -27.91 -17.14
CA ALA C 13 -2.57 -27.14 -15.95
C ALA C 13 -1.71 -27.60 -14.79
N SER C 14 -1.50 -28.91 -14.64
CA SER C 14 -0.59 -29.45 -13.61
C SER C 14 0.82 -28.99 -13.87
N LEU C 15 1.30 -29.01 -15.11
CA LEU C 15 2.63 -28.46 -15.40
C LEU C 15 2.74 -26.99 -15.03
N ALA C 16 1.68 -26.24 -15.28
CA ALA C 16 1.70 -24.81 -15.03
C ALA C 16 1.74 -24.50 -13.55
N ILE C 17 0.95 -25.21 -12.77
CA ILE C 17 0.88 -24.91 -11.34
C ILE C 17 2.18 -25.34 -10.66
N TYR C 18 2.73 -26.47 -11.06
CA TYR C 18 4.02 -26.94 -10.51
C TYR C 18 5.13 -25.95 -10.87
N SER C 19 5.15 -25.52 -12.12
CA SER C 19 6.13 -24.54 -12.59
C SER C 19 6.00 -23.24 -11.83
N PHE C 20 4.78 -22.79 -11.61
CA PHE C 20 4.58 -21.51 -10.93
C PHE C 20 5.13 -21.53 -9.52
N TRP C 21 4.98 -22.66 -8.84
CA TRP C 21 5.43 -22.74 -7.44
C TRP C 21 6.92 -22.78 -7.41
N ILE C 22 7.56 -23.40 -8.39
CA ILE C 22 9.02 -23.36 -8.50
C ILE C 22 9.48 -21.90 -8.74
N PHE C 23 8.85 -21.26 -9.69
CA PHE C 23 9.07 -19.86 -9.94
C PHE C 23 8.91 -19.07 -8.66
N LEU C 24 7.83 -19.27 -7.89
CA LEU C 24 7.56 -18.35 -6.77
C LEU C 24 8.62 -18.52 -5.68
N ALA C 25 9.09 -19.73 -5.47
CA ALA C 25 10.14 -20.01 -4.51
C ALA C 25 11.42 -19.26 -4.92
N GLY C 26 11.78 -19.34 -6.18
CA GLY C 26 12.93 -18.60 -6.67
C GLY C 26 12.75 -17.10 -6.52
N LEU C 27 11.54 -16.61 -6.76
CA LEU C 27 11.25 -15.19 -6.67
C LEU C 27 11.41 -14.70 -5.22
N ILE C 28 10.85 -15.46 -4.28
CA ILE C 28 10.98 -15.10 -2.88
C ILE C 28 12.45 -15.10 -2.44
N TYR C 29 13.22 -16.11 -2.86
CA TYR C 29 14.64 -16.15 -2.62
C TYR C 29 15.33 -14.90 -3.15
N TYR C 30 15.05 -14.58 -4.40
CA TYR C 30 15.57 -13.34 -4.99
C TYR C 30 15.17 -12.10 -4.23
N LEU C 31 13.89 -11.96 -3.90
CA LEU C 31 13.42 -10.75 -3.21
C LEU C 31 14.11 -10.62 -1.82
N GLN C 32 14.23 -11.74 -1.11
CA GLN C 32 14.83 -11.71 0.22
C GLN C 32 16.27 -11.26 0.10
N THR C 33 17.04 -11.85 -0.82
CA THR C 33 18.42 -11.44 -0.97
C THR C 33 18.57 -9.96 -1.42
N GLU C 34 17.64 -9.46 -2.22
CA GLU C 34 17.71 -8.04 -2.62
C GLU C 34 17.51 -7.16 -1.39
N ASN C 35 16.67 -7.62 -0.47
CA ASN C 35 16.46 -6.94 0.78
C ASN C 35 17.53 -7.09 1.87
N MET C 36 18.64 -7.70 1.51
CA MET C 36 19.82 -7.81 2.41
C MET C 36 20.93 -6.93 1.91
N ARG C 37 20.61 -5.96 1.03
CA ARG C 37 21.63 -5.03 0.55
C ARG C 37 22.03 -3.97 1.56
N GLU C 38 21.31 -3.86 2.68
CA GLU C 38 21.69 -2.92 3.74
C GLU C 38 21.58 -3.67 5.07
N GLY C 39 22.50 -3.44 6.02
CA GLY C 39 22.34 -3.96 7.35
C GLY C 39 22.97 -5.31 7.63
N TYR C 40 23.47 -6.00 6.60
CA TYR C 40 24.02 -7.35 6.72
C TYR C 40 25.47 -7.22 6.33
N PRO C 41 26.36 -8.10 6.82
CA PRO C 41 26.08 -9.22 7.67
C PRO C 41 25.56 -8.85 9.06
N LEU C 42 24.80 -9.77 9.63
CA LEU C 42 24.25 -9.58 10.97
C LEU C 42 25.46 -9.60 11.93
N GLU C 43 25.33 -8.83 13.02
CA GLU C 43 26.37 -8.64 14.01
C GLU C 43 25.95 -9.13 15.40
N ASN C 44 26.95 -9.47 16.21
CA ASN C 44 26.70 -9.60 17.65
C ASN C 44 26.49 -8.20 18.23
N GLU C 45 26.09 -8.14 19.50
CA GLU C 45 25.89 -6.85 20.20
C GLU C 45 27.18 -6.02 20.30
N ASP C 46 28.32 -6.67 20.19
CA ASP C 46 29.60 -5.93 20.18
C ASP C 46 30.11 -5.54 18.81
N GLY C 47 29.31 -5.73 17.80
CA GLY C 47 29.70 -5.22 16.49
C GLY C 47 30.52 -6.18 15.65
N THR C 48 30.79 -7.36 16.18
CA THR C 48 31.54 -8.36 15.41
C THR C 48 30.55 -9.20 14.64
N PRO C 49 31.01 -9.92 13.61
CA PRO C 49 30.05 -10.63 12.75
C PRO C 49 29.39 -11.79 13.45
N ALA C 50 28.07 -11.94 13.31
CA ALA C 50 27.35 -13.05 13.94
C ALA C 50 27.71 -14.36 13.26
N ALA C 51 27.73 -15.40 14.08
CA ALA C 51 27.99 -16.73 13.59
C ALA C 51 26.85 -17.25 12.72
N ASN C 52 25.60 -16.99 13.06
CA ASN C 52 24.53 -17.43 12.19
C ASN C 52 23.97 -16.31 11.39
N GLN C 53 24.14 -16.41 10.08
CA GLN C 53 23.66 -15.38 9.16
C GLN C 53 22.33 -15.78 8.50
N GLY C 54 21.85 -16.96 8.76
CA GLY C 54 20.65 -17.38 8.07
C GLY C 54 21.01 -18.12 6.79
N PRO C 55 19.99 -18.67 6.13
CA PRO C 55 20.21 -19.51 4.98
C PRO C 55 20.30 -18.71 3.67
N PHE C 56 20.00 -17.41 3.69
CA PHE C 56 20.06 -16.61 2.45
C PHE C 56 21.43 -15.95 2.37
N PRO C 57 22.13 -16.02 1.21
CA PRO C 57 23.44 -15.38 1.08
C PRO C 57 23.31 -13.92 0.66
N LEU C 58 24.36 -13.12 0.78
CA LEU C 58 24.26 -11.72 0.34
C LEU C 58 24.25 -11.73 -1.18
N PRO C 59 23.51 -10.80 -1.78
CA PRO C 59 23.52 -10.71 -3.23
C PRO C 59 24.84 -10.15 -3.71
N LYS C 60 25.11 -10.39 -4.98
CA LYS C 60 26.20 -9.75 -5.70
C LYS C 60 25.96 -8.22 -5.64
N PRO C 61 27.01 -7.39 -5.53
CA PRO C 61 26.84 -5.94 -5.42
C PRO C 61 26.23 -5.28 -6.65
N LYS C 62 25.51 -4.19 -6.42
CA LYS C 62 25.01 -3.32 -7.51
C LYS C 62 25.53 -1.94 -7.17
N THR C 63 25.68 -1.08 -8.17
CA THR C 63 26.17 0.28 -7.99
C THR C 63 25.15 1.27 -8.56
N PHE C 64 24.80 2.23 -7.73
CA PHE C 64 23.90 3.31 -8.09
C PHE C 64 24.77 4.45 -8.43
N ILE C 65 24.52 5.07 -9.58
CA ILE C 65 25.34 6.26 -9.97
C ILE C 65 24.56 7.44 -9.41
N LEU C 66 25.19 8.25 -8.58
CA LEU C 66 24.47 9.39 -7.99
C LEU C 66 24.66 10.65 -8.83
N PRO C 67 23.60 11.45 -8.94
CA PRO C 67 23.60 12.62 -9.70
C PRO C 67 24.52 13.68 -9.16
N HIS C 68 24.80 14.64 -10.00
CA HIS C 68 25.52 15.87 -9.62
C HIS C 68 26.92 15.69 -9.03
N GLY C 69 27.62 14.64 -9.47
CA GLY C 69 29.02 14.45 -9.05
C GLY C 69 29.10 13.91 -7.62
N ARG C 70 28.02 13.36 -7.09
CA ARG C 70 28.04 12.87 -5.71
C ARG C 70 28.63 11.45 -5.64
N GLY C 71 28.98 10.86 -6.76
CA GLY C 71 29.62 9.55 -6.71
C GLY C 71 28.71 8.37 -6.93
N THR C 72 28.96 7.28 -6.21
CA THR C 72 28.15 6.05 -6.33
C THR C 72 27.87 5.51 -4.94
N LEU C 73 26.89 4.60 -4.85
CA LEU C 73 26.65 3.74 -3.70
C LEU C 73 26.74 2.34 -4.24
N THR C 74 27.55 1.48 -3.61
CA THR C 74 27.62 0.06 -3.97
C THR C 74 27.15 -0.74 -2.76
N VAL C 75 26.13 -1.58 -2.94
CA VAL C 75 25.57 -2.34 -1.85
C VAL C 75 25.35 -3.78 -2.32
N PRO C 76 25.62 -4.76 -1.45
CA PRO C 76 26.08 -4.67 -0.13
C PRO C 76 27.51 -4.13 -0.12
N GLY C 77 27.90 -3.49 0.97
CA GLY C 77 29.31 -3.19 1.21
C GLY C 77 29.58 -3.14 2.71
N PRO C 78 30.84 -2.88 3.11
CA PRO C 78 31.20 -2.82 4.53
C PRO C 78 30.29 -1.87 5.30
N GLU C 79 29.65 -2.35 6.36
CA GLU C 79 28.72 -1.53 7.14
C GLU C 79 29.53 -0.97 8.30
N SER C 80 29.43 0.32 8.54
CA SER C 80 29.99 0.92 9.70
C SER C 80 29.05 2.05 10.18
N GLU C 81 28.81 2.15 11.48
CA GLU C 81 27.97 3.22 12.01
C GLU C 81 28.57 4.63 11.73
N ASP C 82 29.88 4.69 11.68
CA ASP C 82 30.61 5.95 11.46
C ASP C 82 30.28 7.02 12.49
N ARG C 83 30.00 6.63 13.74
CA ARG C 83 29.71 7.59 14.82
C ARG C 83 29.76 6.78 16.11
N PRO C 84 30.07 7.41 17.25
CA PRO C 84 30.05 6.72 18.52
C PRO C 84 28.65 6.47 18.98
N ILE C 85 28.44 5.37 19.71
CA ILE C 85 27.13 4.99 20.19
C ILE C 85 27.25 4.85 21.71
N ALA C 86 26.69 5.81 22.41
CA ALA C 86 26.75 5.93 23.85
C ALA C 86 25.73 5.06 24.57
N LEU C 87 25.92 3.73 24.50
CA LEU C 87 25.02 2.76 25.14
C LEU C 87 25.89 1.69 25.76
N ALA C 88 25.41 1.02 26.82
CA ALA C 88 26.09 -0.12 27.42
C ALA C 88 25.13 -1.21 27.81
N ARG C 89 25.65 -2.42 27.83
CA ARG C 89 24.83 -3.57 28.11
C ARG C 89 24.22 -3.43 29.49
N THR C 90 23.01 -3.93 29.66
CA THR C 90 22.38 -4.05 31.00
C THR C 90 22.31 -5.47 31.50
N ALA C 91 22.64 -6.45 30.65
CA ALA C 91 22.70 -7.88 31.05
C ALA C 91 24.03 -8.53 30.69
N VAL C 92 24.25 -9.76 31.14
CA VAL C 92 25.43 -10.58 30.82
C VAL C 92 25.22 -11.52 29.63
N SER C 93 24.05 -11.46 29.04
CA SER C 93 23.78 -12.23 27.85
C SER C 93 23.02 -11.44 26.78
N GLU C 94 22.99 -11.95 25.56
CA GLU C 94 22.36 -11.30 24.43
C GLU C 94 20.87 -11.12 24.65
N GLY C 95 20.32 -10.08 24.05
CA GLY C 95 18.89 -9.92 23.94
C GLY C 95 18.21 -8.93 24.83
N PHE C 96 18.98 -8.18 25.59
CA PHE C 96 18.45 -7.23 26.58
C PHE C 96 18.70 -5.82 26.08
N PRO C 97 18.02 -4.85 26.68
CA PRO C 97 18.30 -3.48 26.26
C PRO C 97 19.68 -3.00 26.64
N HIS C 98 20.08 -1.90 25.98
CA HIS C 98 21.35 -1.24 26.19
C HIS C 98 20.99 0.13 26.73
N ALA C 99 21.54 0.51 27.87
CA ALA C 99 21.20 1.75 28.57
C ALA C 99 22.07 2.88 28.12
N PRO C 100 21.49 4.06 27.86
CA PRO C 100 22.31 5.21 27.63
C PRO C 100 23.33 5.46 28.71
N THR C 101 24.57 5.77 28.33
CA THR C 101 25.64 6.04 29.26
C THR C 101 25.68 7.52 29.62
N GLY C 102 24.91 8.35 28.91
CA GLY C 102 24.83 9.81 29.19
C GLY C 102 23.40 10.27 28.96
N ASP C 103 23.24 11.43 28.34
CA ASP C 103 21.88 11.95 28.03
C ASP C 103 21.53 11.45 26.66
N PRO C 104 20.48 10.63 26.56
CA PRO C 104 20.29 10.04 25.28
C PRO C 104 19.84 10.99 24.20
N MET C 105 19.20 12.08 24.61
N MET C 105 19.22 12.10 24.58
CA MET C 105 18.81 13.12 23.66
CA MET C 105 18.84 13.09 23.55
C MET C 105 20.08 13.72 23.06
C MET C 105 20.06 13.82 23.03
N LYS C 106 21.00 14.15 23.92
CA LYS C 106 22.28 14.76 23.47
C LYS C 106 23.17 13.78 22.70
N ASP C 107 23.13 12.51 23.09
CA ASP C 107 24.03 11.54 22.52
C ASP C 107 23.45 10.88 21.28
N GLY C 108 22.15 11.08 21.07
CA GLY C 108 21.50 10.59 19.90
C GLY C 108 21.44 9.09 19.85
N VAL C 109 20.83 8.48 20.88
CA VAL C 109 20.58 7.04 20.91
C VAL C 109 19.10 6.73 21.18
N GLY C 110 18.70 5.49 21.01
CA GLY C 110 17.34 5.17 21.23
C GLY C 110 16.50 5.89 20.18
N PRO C 111 15.27 6.32 20.56
CA PRO C 111 14.44 7.05 19.59
C PRO C 111 14.96 8.44 19.27
N ALA C 112 16.05 8.90 19.95
CA ALA C 112 16.72 10.12 19.58
C ALA C 112 17.81 9.89 18.51
N SER C 113 17.91 8.68 17.97
CA SER C 113 19.01 8.28 17.10
C SER C 113 19.03 9.03 15.79
N TRP C 114 20.24 9.26 15.28
CA TRP C 114 20.47 9.78 13.92
C TRP C 114 21.45 8.90 13.21
N VAL C 115 21.42 8.92 11.87
CA VAL C 115 22.34 8.18 11.02
C VAL C 115 23.32 9.13 10.43
N ALA C 116 24.55 8.65 10.28
CA ALA C 116 25.65 9.48 9.69
C ALA C 116 25.48 9.58 8.17
N ARG C 117 24.41 10.25 7.74
CA ARG C 117 24.20 10.51 6.32
C ARG C 117 25.20 11.53 5.88
N ARG C 118 25.25 11.79 4.59
N ARG C 118 25.25 11.76 4.57
CA ARG C 118 26.20 12.70 4.05
CA ARG C 118 26.08 12.75 3.97
C ARG C 118 25.87 14.13 4.48
C ARG C 118 25.84 14.09 4.62
N ASP C 119 26.89 14.86 4.85
CA ASP C 119 26.74 16.21 5.34
C ASP C 119 26.73 17.16 4.17
N LEU C 120 25.79 16.90 3.28
CA LEU C 120 25.43 17.81 2.19
C LEU C 120 23.91 17.78 2.05
N PRO C 121 23.34 18.81 1.43
CA PRO C 121 21.90 18.90 1.23
C PRO C 121 21.41 18.00 0.09
N GLU C 122 20.19 17.53 0.16
CA GLU C 122 19.60 16.78 -0.94
C GLU C 122 19.43 17.83 -2.02
N LEU C 123 19.63 17.44 -3.28
CA LEU C 123 19.47 18.32 -4.43
C LEU C 123 18.32 17.85 -5.30
N ASP C 124 17.72 18.78 -6.01
CA ASP C 124 16.69 18.47 -6.95
C ASP C 124 17.30 18.03 -8.28
N GLY C 125 16.46 17.86 -9.29
CA GLY C 125 16.87 17.33 -10.58
C GLY C 125 17.71 18.29 -11.33
N HIS C 126 17.64 19.54 -10.92
CA HIS C 126 18.51 20.57 -11.47
C HIS C 126 19.74 20.87 -10.66
N GLY C 127 19.97 20.11 -9.60
CA GLY C 127 21.17 20.27 -8.80
C GLY C 127 21.10 21.44 -7.85
N HIS C 128 19.89 21.93 -7.55
CA HIS C 128 19.69 23.02 -6.56
C HIS C 128 19.24 22.40 -5.28
N ASN C 129 19.49 23.07 -4.17
CA ASN C 129 19.05 22.52 -2.88
C ASN C 129 17.57 22.27 -2.86
N LYS C 130 17.15 21.08 -2.45
CA LYS C 130 15.77 20.72 -2.47
C LYS C 130 14.91 21.46 -1.45
N ILE C 131 15.47 21.70 -0.27
CA ILE C 131 14.77 22.33 0.85
C ILE C 131 15.38 23.71 1.11
N LYS C 132 14.56 24.73 1.06
CA LYS C 132 15.05 26.10 1.26
C LYS C 132 14.07 26.82 2.17
N PRO C 133 14.55 27.81 2.93
CA PRO C 133 13.60 28.60 3.68
C PRO C 133 12.71 29.29 2.70
N MET C 134 11.43 29.42 3.03
CA MET C 134 10.48 29.97 2.06
C MET C 134 10.89 31.36 1.63
N LYS C 135 11.52 32.13 2.53
N LYS C 135 11.51 32.15 2.50
CA LYS C 135 11.92 33.50 2.23
CA LYS C 135 11.85 33.52 2.13
C LYS C 135 12.92 33.59 1.07
C LYS C 135 12.88 33.58 1.01
N ALA C 136 13.59 32.48 0.77
CA ALA C 136 14.61 32.38 -0.30
C ALA C 136 14.12 31.59 -1.50
N ALA C 137 12.88 31.13 -1.43
CA ALA C 137 12.32 30.30 -2.47
C ALA C 137 11.44 31.19 -3.36
N ALA C 138 11.99 31.62 -4.47
CA ALA C 138 11.27 32.60 -5.29
C ALA C 138 9.89 32.13 -5.69
N GLY C 139 8.91 32.96 -5.38
CA GLY C 139 7.55 32.71 -5.81
C GLY C 139 6.77 31.84 -4.88
N PHE C 140 7.44 31.21 -3.93
CA PHE C 140 6.75 30.39 -2.92
C PHE C 140 6.05 31.16 -1.84
N HIS C 141 4.91 30.63 -1.41
CA HIS C 141 4.04 31.30 -0.43
C HIS C 141 3.07 30.29 0.09
N VAL C 142 2.50 30.61 1.24
CA VAL C 142 1.42 29.77 1.76
C VAL C 142 0.19 29.88 0.89
N SER C 143 -0.41 28.76 0.49
CA SER C 143 -1.52 28.78 -0.46
C SER C 143 -2.82 28.29 0.16
N ALA C 144 -2.78 27.64 1.31
CA ALA C 144 -3.99 27.23 2.01
C ALA C 144 -3.65 26.77 3.43
N GLY C 145 -4.57 26.97 4.35
CA GLY C 145 -4.39 26.61 5.75
C GLY C 145 -3.90 27.78 6.54
N LYS C 146 -3.82 27.58 7.86
CA LYS C 146 -3.33 28.63 8.73
C LYS C 146 -1.85 28.79 8.48
N ASN C 147 -1.44 30.02 8.17
CA ASN C 147 -0.06 30.38 8.00
C ASN C 147 0.59 30.43 9.40
N PRO C 148 1.56 29.55 9.65
CA PRO C 148 2.20 29.49 10.97
C PRO C 148 3.20 30.55 11.26
N ILE C 149 3.56 31.41 10.28
CA ILE C 149 4.63 32.29 10.49
C ILE C 149 4.08 33.38 11.38
N GLY C 150 4.74 33.62 12.49
CA GLY C 150 4.32 34.62 13.45
C GLY C 150 3.80 34.02 14.76
N LEU C 151 3.39 32.79 14.73
CA LEU C 151 2.81 32.14 15.89
C LEU C 151 3.80 31.72 16.99
N PRO C 152 3.43 31.90 18.27
CA PRO C 152 4.27 31.36 19.33
C PRO C 152 4.27 29.87 19.28
N VAL C 153 5.39 29.29 19.71
CA VAL C 153 5.56 27.86 19.68
C VAL C 153 5.60 27.33 21.13
N ARG C 154 4.70 26.40 21.42
CA ARG C 154 4.48 25.92 22.78
C ARG C 154 4.95 24.50 22.88
N GLY C 155 5.65 24.15 23.97
CA GLY C 155 6.04 22.73 24.19
C GLY C 155 5.10 21.96 25.08
N CYS C 156 5.42 20.69 25.33
CA CYS C 156 4.51 19.86 26.11
C CYS C 156 4.41 20.34 27.54
N ASP C 157 5.33 21.16 28.04
CA ASP C 157 5.13 21.74 29.39
C ASP C 157 4.17 22.95 29.39
N LEU C 158 3.51 23.19 28.25
CA LEU C 158 2.66 24.36 28.01
C LEU C 158 3.32 25.70 28.15
N GLU C 159 4.63 25.76 28.01
CA GLU C 159 5.33 27.02 28.04
C GLU C 159 5.79 27.38 26.61
N ILE C 160 5.93 28.68 26.32
CA ILE C 160 6.30 29.11 24.99
C ILE C 160 7.80 29.01 24.84
N ALA C 161 8.28 28.23 23.89
CA ALA C 161 9.74 28.12 23.62
C ALA C 161 10.32 29.12 22.58
N GLY C 162 9.48 29.61 21.67
CA GLY C 162 9.94 30.54 20.60
C GLY C 162 8.77 31.02 19.71
N LYS C 163 9.08 31.55 18.52
CA LYS C 163 8.08 31.95 17.53
C LYS C 163 8.50 31.49 16.14
N VAL C 164 7.53 31.14 15.31
CA VAL C 164 7.78 30.67 13.95
C VAL C 164 8.22 31.88 13.10
N VAL C 165 9.39 31.78 12.48
CA VAL C 165 9.90 32.87 11.66
C VAL C 165 9.96 32.53 10.15
N ASP C 166 9.77 31.26 9.78
CA ASP C 166 9.64 30.83 8.40
C ASP C 166 9.20 29.41 8.33
N ILE C 167 8.92 29.01 7.12
CA ILE C 167 8.66 27.65 6.76
C ILE C 167 9.79 27.27 5.80
N TRP C 168 10.34 26.07 5.94
CA TRP C 168 11.31 25.55 4.98
C TRP C 168 10.53 24.59 4.08
N VAL C 169 10.60 24.85 2.80
CA VAL C 169 9.79 24.22 1.79
C VAL C 169 10.66 23.31 0.89
N ASP C 170 10.07 22.19 0.51
CA ASP C 170 10.55 21.34 -0.55
C ASP C 170 10.19 22.01 -1.88
N ILE C 171 11.18 22.52 -2.62
CA ILE C 171 10.94 23.26 -3.86
C ILE C 171 10.33 22.36 -4.93
N PRO C 172 10.99 21.24 -5.33
CA PRO C 172 10.34 20.41 -6.38
C PRO C 172 9.01 19.77 -5.99
N GLU C 173 8.84 19.36 -4.75
CA GLU C 173 7.56 18.74 -4.38
C GLU C 173 6.55 19.71 -3.78
N GLN C 174 6.87 20.99 -3.76
CA GLN C 174 6.04 22.06 -3.21
C GLN C 174 5.36 21.69 -1.93
N MET C 175 6.14 21.47 -0.86
CA MET C 175 5.56 21.12 0.42
C MET C 175 6.33 21.67 1.59
N ALA C 176 5.62 21.96 2.67
CA ALA C 176 6.17 22.39 3.92
C ALA C 176 6.97 21.29 4.53
N ARG C 177 8.24 21.52 4.85
CA ARG C 177 9.02 20.39 5.48
C ARG C 177 9.37 20.67 6.92
N PHE C 178 9.71 21.91 7.24
CA PHE C 178 10.10 22.29 8.63
C PHE C 178 9.48 23.63 8.93
N LEU C 179 9.36 23.94 10.22
CA LEU C 179 9.18 25.32 10.70
C LEU C 179 10.47 25.81 11.27
N GLU C 180 10.88 27.02 10.96
CA GLU C 180 12.00 27.62 11.61
C GLU C 180 11.47 28.42 12.80
N VAL C 181 12.03 28.13 14.00
CA VAL C 181 11.57 28.72 15.27
C VAL C 181 12.68 29.51 15.91
N GLU C 182 12.42 30.79 16.16
CA GLU C 182 13.35 31.61 16.83
C GLU C 182 13.20 31.52 18.36
N LEU C 183 14.35 31.41 19.07
CA LEU C 183 14.39 31.18 20.50
C LEU C 183 14.71 32.45 21.21
N LYS C 184 14.65 32.42 22.55
CA LYS C 184 14.81 33.64 23.32
C LYS C 184 16.14 34.31 23.05
N ASP C 185 17.17 33.53 22.71
CA ASP C 185 18.48 34.14 22.39
C ASP C 185 18.66 34.66 20.97
N GLY C 186 17.66 34.53 20.12
CA GLY C 186 17.72 35.12 18.78
C GLY C 186 18.18 34.11 17.74
N SER C 187 18.63 32.92 18.18
CA SER C 187 19.03 31.83 17.27
C SER C 187 17.77 31.14 16.83
N THR C 188 17.84 30.31 15.80
CA THR C 188 16.73 29.53 15.40
C THR C 188 17.03 28.05 15.34
N ARG C 189 15.97 27.24 15.34
CA ARG C 189 16.07 25.81 15.10
C ARG C 189 15.00 25.44 14.12
N LEU C 190 15.15 24.25 13.52
CA LEU C 190 14.18 23.70 12.64
C LEU C 190 13.41 22.63 13.40
N LEU C 191 12.08 22.67 13.23
CA LEU C 191 11.17 21.64 13.69
C LEU C 191 10.53 20.93 12.51
N PRO C 192 10.55 19.59 12.49
CA PRO C 192 9.82 18.87 11.43
C PRO C 192 8.31 19.20 11.42
N MET C 193 7.74 19.41 10.23
CA MET C 193 6.33 19.79 10.10
C MET C 193 5.44 18.69 10.65
N GLN C 194 5.92 17.46 10.58
CA GLN C 194 5.16 16.30 10.99
C GLN C 194 5.07 16.17 12.50
N MET C 195 5.80 17.00 13.22
CA MET C 195 5.87 16.93 14.68
C MET C 195 5.30 18.15 15.37
N VAL C 196 4.59 19.00 14.63
CA VAL C 196 4.04 20.24 15.16
C VAL C 196 2.56 20.21 14.82
N LYS C 197 1.79 20.93 15.63
CA LYS C 197 0.37 21.08 15.34
C LYS C 197 0.08 22.52 15.24
N VAL C 198 -0.34 22.96 14.04
CA VAL C 198 -0.63 24.39 13.81
C VAL C 198 -2.06 24.64 14.26
N GLN C 199 -2.23 25.50 15.25
CA GLN C 199 -3.54 25.85 15.77
C GLN C 199 -3.78 27.29 15.45
N SER C 200 -4.97 27.81 15.80
CA SER C 200 -5.33 29.17 15.48
C SER C 200 -4.43 30.21 16.11
N ASN C 201 -3.91 29.92 17.30
CA ASN C 201 -3.17 30.91 18.08
C ASN C 201 -1.77 30.45 18.48
N ARG C 202 -1.34 29.30 18.01
CA ARG C 202 -0.04 28.79 18.42
C ARG C 202 0.30 27.67 17.55
N VAL C 203 1.56 27.23 17.66
CA VAL C 203 1.97 25.92 17.13
C VAL C 203 2.35 25.13 18.38
N HIS C 204 1.83 23.94 18.51
CA HIS C 204 2.10 23.12 19.70
C HIS C 204 2.97 21.95 19.31
N VAL C 205 3.97 21.67 20.14
CA VAL C 205 4.95 20.62 19.90
C VAL C 205 4.90 19.66 21.12
N ASN C 206 4.17 18.58 20.99
N ASN C 206 4.18 18.57 20.94
CA ASN C 206 4.07 17.59 22.05
CA ASN C 206 4.06 17.48 21.89
C ASN C 206 5.41 16.99 22.45
C ASN C 206 5.32 16.82 22.36
N ALA C 207 6.33 16.81 21.49
CA ALA C 207 7.56 16.01 21.75
C ALA C 207 8.56 16.65 22.67
N LEU C 208 8.57 17.99 22.74
CA LEU C 208 9.56 18.69 23.48
C LEU C 208 8.94 19.60 24.48
N SER C 209 9.54 19.66 25.65
CA SER C 209 9.22 20.68 26.60
C SER C 209 10.04 21.87 26.21
N SER C 210 9.61 23.03 26.67
CA SER C 210 10.18 24.27 26.20
C SER C 210 11.68 24.36 26.40
N ASP C 211 12.14 23.78 27.50
CA ASP C 211 13.55 23.85 27.85
C ASP C 211 14.45 22.89 27.03
N LEU C 212 13.86 22.06 26.20
CA LEU C 212 14.61 21.21 25.29
C LEU C 212 14.81 21.80 23.88
N PHE C 213 14.25 22.99 23.62
CA PHE C 213 14.34 23.56 22.29
C PHE C 213 15.76 24.02 22.02
N ALA C 214 16.43 24.57 23.03
CA ALA C 214 17.79 24.96 22.89
C ALA C 214 18.68 23.87 22.39
N GLY C 215 18.42 22.62 22.79
CA GLY C 215 19.31 21.55 22.45
C GLY C 215 19.04 20.91 21.12
N ILE C 216 17.98 21.30 20.42
CA ILE C 216 17.80 20.84 19.03
C ILE C 216 19.08 21.12 18.27
N PRO C 217 19.63 20.12 17.59
CA PRO C 217 20.86 20.34 16.84
C PRO C 217 20.73 21.52 15.89
N THR C 218 21.72 22.40 15.80
CA THR C 218 21.63 23.61 14.96
C THR C 218 22.25 23.31 13.55
N ILE C 219 21.91 24.12 12.53
CA ILE C 219 22.41 23.86 11.19
C ILE C 219 23.61 24.78 10.96
N LYS C 220 24.56 24.34 10.14
N LYS C 220 24.61 24.39 10.17
CA LYS C 220 25.82 25.03 10.00
CA LYS C 220 25.82 25.22 10.06
C LYS C 220 25.68 26.23 9.11
C LYS C 220 25.60 26.41 9.15
N SER C 221 24.67 26.24 8.22
N SER C 221 24.75 26.28 8.13
CA SER C 221 24.47 27.41 7.35
CA SER C 221 24.45 27.44 7.28
C SER C 221 23.00 27.81 7.41
C SER C 221 23.00 27.82 7.44
N PRO C 222 22.73 29.12 7.56
CA PRO C 222 21.36 29.53 7.77
C PRO C 222 20.36 29.30 6.68
N THR C 223 20.78 29.09 5.42
CA THR C 223 19.85 28.92 4.26
C THR C 223 19.82 27.54 3.60
N GLU C 224 20.47 26.58 4.21
CA GLU C 224 20.39 25.24 3.71
C GLU C 224 20.49 24.25 4.85
N VAL C 225 20.06 23.02 4.62
CA VAL C 225 20.16 21.97 5.60
C VAL C 225 20.67 20.69 4.98
N THR C 226 21.64 20.06 5.63
CA THR C 226 22.26 18.88 5.07
C THR C 226 21.51 17.64 5.53
N LEU C 227 21.66 16.54 4.82
CA LEU C 227 20.94 15.35 5.21
C LEU C 227 21.34 14.89 6.60
N LEU C 228 22.62 15.00 6.94
CA LEU C 228 23.09 14.68 8.29
C LEU C 228 22.39 15.55 9.34
N GLU C 229 22.29 16.85 9.08
CA GLU C 229 21.64 17.77 10.02
C GLU C 229 20.17 17.43 10.17
N GLU C 230 19.51 17.11 9.08
CA GLU C 230 18.09 16.73 9.12
C GLU C 230 17.91 15.53 10.03
N ASP C 231 18.79 14.56 9.90
CA ASP C 231 18.67 13.33 10.68
C ASP C 231 18.90 13.63 12.16
N LYS C 232 19.84 14.53 12.50
CA LYS C 232 20.07 14.88 13.89
C LYS C 232 18.86 15.65 14.46
N ILE C 233 18.32 16.59 13.68
CA ILE C 233 17.13 17.37 14.11
C ILE C 233 15.93 16.47 14.27
N CYS C 234 15.60 15.68 13.25
CA CYS C 234 14.42 14.80 13.35
C CYS C 234 14.51 13.76 14.46
N GLY C 235 15.68 13.16 14.61
CA GLY C 235 15.92 12.23 15.67
C GLY C 235 15.77 12.83 17.04
N TYR C 236 16.36 14.01 17.28
CA TYR C 236 16.26 14.62 18.58
C TYR C 236 14.83 14.92 18.94
N VAL C 237 14.11 15.54 17.99
CA VAL C 237 12.72 15.90 18.24
C VAL C 237 11.88 14.64 18.53
N ALA C 238 12.00 13.62 17.71
CA ALA C 238 11.19 12.39 17.97
C ALA C 238 11.60 11.75 19.31
N GLY C 239 12.85 11.88 19.71
CA GLY C 239 13.32 11.26 20.98
C GLY C 239 12.71 11.88 22.21
N GLY C 240 12.23 13.12 22.08
CA GLY C 240 11.57 13.77 23.15
C GLY C 240 10.31 13.06 23.62
N LEU C 241 9.66 12.35 22.73
CA LEU C 241 8.45 11.60 23.14
C LEU C 241 8.79 10.65 24.26
N MET C 242 9.88 9.93 24.14
CA MET C 242 10.26 9.03 25.23
C MET C 242 10.98 9.79 26.38
N TYR C 243 11.85 10.72 26.04
CA TYR C 243 12.79 11.24 27.02
C TYR C 243 12.45 12.59 27.66
N ALA C 244 11.46 13.32 27.18
CA ALA C 244 11.13 14.64 27.79
C ALA C 244 10.59 14.45 29.23
N ALA C 245 9.93 13.30 29.43
CA ALA C 245 9.64 12.63 30.75
C ALA C 245 10.06 13.32 32.06
N PRO C 246 11.40 13.44 32.35
CA PRO C 246 11.84 14.26 33.50
C PRO C 246 12.59 15.57 33.14
N LYS C 247 12.17 16.74 33.63
CA LYS C 247 10.97 16.97 34.48
C LYS C 247 10.89 16.13 35.80
N ARG C 248 11.50 16.62 36.90
CA ARG C 248 12.07 18.00 37.02
C ARG C 248 13.54 18.07 36.55
#